data_1L5A
#
_entry.id   1L5A
#
_cell.length_a   132.595
_cell.length_b   161.349
_cell.length_c   115.602
_cell.angle_alpha   90.00
_cell.angle_beta   104.81
_cell.angle_gamma   90.00
#
_symmetry.space_group_name_H-M   'C 1 2 1'
#
loop_
_entity.id
_entity.type
_entity.pdbx_description
1 polymer 'amide synthase'
2 water water
#
_entity_poly.entity_id   1
_entity_poly.type   'polypeptide(L)'
_entity_poly.pdbx_seq_one_letter_code
;MLLAQKPFWQRHLAYPHINLDTVAHSLRLTGPLDTTLLLRALHLTVSEIDLFRARFSAQGELYWHPFSPPIDYQDLSIHL
EAEPLAWRQIEQDLQRSSTLIDAPITSHQVYRLSHSEHLIYTRAHHIVLDGYGMMLFEQRLSQHYQSLLSGQTPTAAFKP
YQSYLEEEAAYLTSHRYWQDKQFWQGYLREAPDLTLTSATYDPQLSHAVSLSYTLNSQLNHLLLKLANANQIGWPDALVA
LCALYLESAEPDAPWLWLPFMNRWGSVAANVPGLMVNSLPLLRLSAQQTSLGNYLKQSGQAIRSLYLHGRYRIEQIEQDQ
GLNAEQSYFMSPFINILPFESPHFADCQTELKVLASGSAEGINFTFRGSPQHELCLDITADLASYPQSHWQSHCERFPRF
FEQLLARFQQVEQDVARLLAEPAALAATTSTRAIAS
;
_entity_poly.pdbx_strand_id   A,B,C
#
# COMPACT_ATOMS: atom_id res chain seq x y z
N MET A 1 -9.01 -19.03 -16.43
CA MET A 1 -8.81 -19.86 -15.21
C MET A 1 -7.57 -19.39 -14.44
N LEU A 2 -7.70 -19.32 -13.12
CA LEU A 2 -6.60 -18.88 -12.27
C LEU A 2 -5.58 -19.99 -12.00
N LEU A 3 -4.31 -19.63 -11.92
CA LEU A 3 -3.28 -20.61 -11.65
C LEU A 3 -3.72 -21.57 -10.53
N ALA A 4 -4.25 -21.02 -9.45
CA ALA A 4 -4.71 -21.83 -8.32
C ALA A 4 -5.79 -22.87 -8.70
N GLN A 5 -6.51 -22.64 -9.80
CA GLN A 5 -7.55 -23.58 -10.23
C GLN A 5 -7.01 -24.67 -11.16
N LYS A 6 -5.91 -24.39 -11.86
CA LYS A 6 -5.32 -25.34 -12.80
C LYS A 6 -5.07 -26.75 -12.19
N PRO A 7 -4.37 -26.85 -11.06
CA PRO A 7 -4.16 -28.20 -10.56
C PRO A 7 -5.44 -29.00 -10.32
N PHE A 8 -6.51 -28.33 -9.89
CA PHE A 8 -7.77 -29.06 -9.67
C PHE A 8 -8.31 -29.53 -11.00
N TRP A 9 -8.21 -28.66 -11.99
CA TRP A 9 -8.69 -28.96 -13.31
C TRP A 9 -7.95 -30.16 -13.89
N GLN A 10 -6.64 -30.20 -13.70
CA GLN A 10 -5.84 -31.31 -14.22
C GLN A 10 -6.20 -32.62 -13.49
N ARG A 11 -6.25 -32.59 -12.16
CA ARG A 11 -6.62 -33.79 -11.42
C ARG A 11 -7.91 -34.37 -12.02
N HIS A 12 -8.83 -33.50 -12.41
CA HIS A 12 -10.09 -33.94 -12.99
C HIS A 12 -9.91 -34.59 -14.35
N LEU A 13 -8.97 -34.09 -15.14
CA LEU A 13 -8.78 -34.69 -16.44
C LEU A 13 -8.04 -36.01 -16.29
N ALA A 14 -7.34 -36.15 -15.17
CA ALA A 14 -6.56 -37.35 -14.90
C ALA A 14 -7.35 -38.47 -14.24
N TYR A 15 -8.47 -38.13 -13.62
CA TYR A 15 -9.31 -39.14 -12.96
C TYR A 15 -10.73 -38.61 -13.00
N PRO A 16 -11.32 -38.53 -14.21
CA PRO A 16 -12.67 -38.05 -14.51
C PRO A 16 -13.79 -38.83 -13.84
N HIS A 17 -13.65 -40.14 -13.86
CA HIS A 17 -14.66 -41.01 -13.26
C HIS A 17 -14.74 -40.89 -11.75
N ILE A 18 -14.00 -39.96 -11.13
CA ILE A 18 -14.09 -39.84 -9.68
C ILE A 18 -13.96 -38.42 -9.14
N ASN A 19 -14.81 -38.12 -8.16
CA ASN A 19 -14.86 -36.82 -7.51
C ASN A 19 -13.82 -36.74 -6.41
N LEU A 20 -12.62 -36.28 -6.75
CA LEU A 20 -11.53 -36.18 -5.78
C LEU A 20 -11.53 -34.90 -4.95
N ASP A 21 -11.93 -33.80 -5.56
CA ASP A 21 -11.90 -32.53 -4.87
C ASP A 21 -13.24 -31.83 -4.71
N THR A 22 -14.12 -32.45 -3.93
CA THR A 22 -15.45 -31.92 -3.68
C THR A 22 -15.52 -31.31 -2.28
N VAL A 23 -16.41 -30.36 -2.09
CA VAL A 23 -16.60 -29.74 -0.79
C VAL A 23 -18.11 -29.78 -0.50
N ALA A 24 -18.49 -30.52 0.53
CA ALA A 24 -19.90 -30.61 0.87
C ALA A 24 -20.12 -30.48 2.37
N HIS A 25 -21.11 -29.66 2.73
CA HIS A 25 -21.47 -29.47 4.12
C HIS A 25 -22.97 -29.71 4.28
N SER A 26 -23.38 -30.12 5.47
CA SER A 26 -24.78 -30.29 5.73
C SER A 26 -25.05 -29.50 6.98
N LEU A 27 -26.16 -28.78 6.97
CA LEU A 27 -26.56 -27.99 8.12
C LEU A 27 -27.85 -28.58 8.63
N ARG A 28 -27.90 -28.84 9.93
CA ARG A 28 -29.11 -29.40 10.49
C ARG A 28 -29.61 -28.38 11.48
N LEU A 29 -30.79 -27.86 11.20
CA LEU A 29 -31.37 -26.86 12.05
C LEU A 29 -32.53 -27.48 12.82
N THR A 30 -32.43 -27.37 14.13
CA THR A 30 -33.44 -27.89 15.01
C THR A 30 -34.06 -26.68 15.69
N GLY A 31 -35.35 -26.45 15.42
CA GLY A 31 -36.03 -25.29 15.99
C GLY A 31 -37.18 -24.74 15.15
N PRO A 32 -37.96 -23.80 15.69
CA PRO A 32 -39.11 -23.18 15.00
C PRO A 32 -38.69 -22.21 13.89
N LEU A 33 -37.91 -22.72 12.93
CA LEU A 33 -37.42 -21.92 11.83
C LEU A 33 -38.53 -21.66 10.80
N ASP A 34 -38.43 -20.55 10.07
CA ASP A 34 -39.43 -20.19 9.05
C ASP A 34 -38.93 -20.77 7.74
N THR A 35 -39.48 -21.92 7.33
CA THR A 35 -39.04 -22.60 6.10
C THR A 35 -38.92 -21.65 4.92
N THR A 36 -40.02 -20.98 4.62
CA THR A 36 -40.04 -20.06 3.50
C THR A 36 -38.94 -19.01 3.54
N LEU A 37 -38.78 -18.33 4.66
CA LEU A 37 -37.71 -17.34 4.74
C LEU A 37 -36.30 -17.94 4.58
N LEU A 38 -36.10 -19.17 5.06
CA LEU A 38 -34.78 -19.82 4.94
C LEU A 38 -34.53 -20.06 3.45
N LEU A 39 -35.54 -20.54 2.75
CA LEU A 39 -35.41 -20.79 1.33
C LEU A 39 -35.07 -19.52 0.56
N ARG A 40 -35.72 -18.42 0.90
CA ARG A 40 -35.47 -17.14 0.25
C ARG A 40 -34.03 -16.76 0.59
N ALA A 41 -33.69 -16.85 1.87
CA ALA A 41 -32.34 -16.53 2.32
C ALA A 41 -31.30 -17.32 1.53
N LEU A 42 -31.52 -18.64 1.34
CA LEU A 42 -30.55 -19.44 0.60
C LEU A 42 -30.49 -18.98 -0.86
N HIS A 43 -31.65 -18.71 -1.45
CA HIS A 43 -31.74 -18.23 -2.84
C HIS A 43 -31.01 -16.90 -2.99
N LEU A 44 -31.14 -16.04 -1.98
CA LEU A 44 -30.46 -14.76 -2.03
C LEU A 44 -28.95 -14.96 -1.90
N THR A 45 -28.51 -15.72 -0.90
CA THR A 45 -27.09 -15.93 -0.73
C THR A 45 -26.39 -16.43 -1.98
N VAL A 46 -26.95 -17.47 -2.59
CA VAL A 46 -26.40 -18.08 -3.80
C VAL A 46 -26.34 -17.12 -4.99
N SER A 47 -27.27 -16.19 -5.08
CA SER A 47 -27.27 -15.22 -6.18
C SER A 47 -26.07 -14.32 -6.13
N GLU A 48 -25.62 -14.03 -4.92
CA GLU A 48 -24.48 -13.15 -4.73
C GLU A 48 -23.12 -13.78 -5.05
N ILE A 49 -23.07 -15.10 -5.23
CA ILE A 49 -21.81 -15.78 -5.50
C ILE A 49 -21.61 -16.06 -6.97
N ASP A 50 -20.95 -15.16 -7.67
CA ASP A 50 -20.74 -15.33 -9.09
C ASP A 50 -20.05 -16.62 -9.51
N LEU A 51 -19.06 -17.04 -8.75
CA LEU A 51 -18.33 -18.25 -9.12
C LEU A 51 -19.23 -19.51 -9.13
N PHE A 52 -20.29 -19.55 -8.33
CA PHE A 52 -21.15 -20.73 -8.39
C PHE A 52 -21.82 -20.85 -9.76
N ARG A 53 -21.63 -19.87 -10.64
CA ARG A 53 -22.23 -19.94 -11.98
C ARG A 53 -21.17 -20.31 -13.01
N ALA A 54 -19.97 -20.59 -12.52
CA ALA A 54 -18.88 -20.96 -13.38
C ALA A 54 -19.11 -22.31 -14.04
N ARG A 55 -18.59 -22.45 -15.26
CA ARG A 55 -18.66 -23.68 -16.03
C ARG A 55 -17.39 -23.77 -16.87
N PHE A 56 -16.97 -25.00 -17.18
CA PHE A 56 -15.76 -25.16 -17.97
C PHE A 56 -15.96 -25.88 -19.30
N SER A 57 -15.26 -25.41 -20.32
CA SER A 57 -15.34 -26.04 -21.64
C SER A 57 -14.44 -27.27 -21.59
N ALA A 58 -14.50 -28.08 -22.64
CA ALA A 58 -13.69 -29.30 -22.70
C ALA A 58 -12.21 -28.91 -22.73
N GLN A 59 -11.94 -27.68 -23.18
CA GLN A 59 -10.59 -27.15 -23.28
C GLN A 59 -10.18 -26.33 -22.04
N GLY A 60 -10.93 -26.47 -20.96
CA GLY A 60 -10.63 -25.74 -19.73
C GLY A 60 -10.95 -24.25 -19.75
N GLU A 61 -11.73 -23.79 -20.72
CA GLU A 61 -12.11 -22.38 -20.77
C GLU A 61 -13.27 -22.14 -19.82
N LEU A 62 -13.06 -21.21 -18.88
CA LEU A 62 -14.09 -20.89 -17.92
C LEU A 62 -15.00 -19.86 -18.57
N TYR A 63 -16.30 -20.12 -18.47
CA TYR A 63 -17.31 -19.22 -19.03
C TYR A 63 -18.48 -19.18 -18.01
N TRP A 64 -19.37 -18.20 -18.15
CA TRP A 64 -20.46 -18.02 -17.19
C TRP A 64 -21.92 -18.35 -17.54
N HIS A 65 -22.51 -19.21 -16.73
CA HIS A 65 -23.92 -19.56 -16.88
C HIS A 65 -24.69 -18.29 -16.44
N PRO A 66 -25.76 -17.93 -17.17
CA PRO A 66 -26.50 -16.73 -16.78
C PRO A 66 -27.48 -16.85 -15.63
N PHE A 67 -27.78 -18.05 -15.17
CA PHE A 67 -28.75 -18.20 -14.09
C PHE A 67 -28.08 -18.63 -12.79
N SER A 68 -28.68 -18.28 -11.66
CA SER A 68 -28.09 -18.69 -10.39
C SER A 68 -28.44 -20.14 -10.14
N PRO A 69 -27.66 -20.82 -9.31
CA PRO A 69 -27.90 -22.23 -8.98
C PRO A 69 -29.34 -22.49 -8.45
N PRO A 70 -29.97 -23.58 -8.92
CA PRO A 70 -31.32 -23.92 -8.47
C PRO A 70 -31.24 -24.33 -7.01
N ILE A 71 -32.35 -24.20 -6.29
CA ILE A 71 -32.41 -24.64 -4.91
C ILE A 71 -33.48 -25.72 -4.88
N ASP A 72 -33.05 -26.97 -4.72
CA ASP A 72 -33.97 -28.08 -4.67
C ASP A 72 -34.54 -28.24 -3.26
N TYR A 73 -35.81 -27.91 -3.10
CA TYR A 73 -36.49 -28.01 -1.81
C TYR A 73 -37.51 -29.16 -1.74
N GLN A 74 -37.61 -29.79 -0.58
CA GLN A 74 -38.58 -30.85 -0.40
C GLN A 74 -39.11 -30.86 1.01
N ASP A 75 -40.45 -30.84 1.12
CA ASP A 75 -41.12 -30.90 2.42
C ASP A 75 -41.30 -32.41 2.62
N LEU A 76 -40.62 -32.97 3.61
CA LEU A 76 -40.71 -34.40 3.85
C LEU A 76 -41.42 -34.70 5.12
N SER A 77 -41.86 -33.65 5.83
CA SER A 77 -42.55 -33.81 7.11
C SER A 77 -43.74 -34.76 7.04
N ILE A 78 -44.16 -35.08 5.82
CA ILE A 78 -45.27 -35.99 5.58
C ILE A 78 -44.88 -37.45 5.77
N HIS A 79 -43.67 -37.81 5.33
CA HIS A 79 -43.18 -39.19 5.42
C HIS A 79 -42.58 -39.52 6.78
N LEU A 80 -42.63 -40.80 7.13
CA LEU A 80 -42.09 -41.27 8.42
C LEU A 80 -40.59 -41.54 8.25
N GLU A 81 -40.19 -41.83 7.02
CA GLU A 81 -38.79 -42.09 6.67
C GLU A 81 -38.22 -40.80 6.05
N ALA A 82 -38.56 -39.66 6.64
CA ALA A 82 -38.13 -38.35 6.16
C ALA A 82 -36.61 -38.25 6.13
N GLU A 83 -35.96 -38.51 7.27
CA GLU A 83 -34.52 -38.42 7.34
C GLU A 83 -33.83 -39.37 6.35
N PRO A 84 -34.14 -40.66 6.42
CA PRO A 84 -33.50 -41.57 5.47
C PRO A 84 -33.74 -41.14 4.03
N LEU A 85 -34.91 -40.58 3.77
CA LEU A 85 -35.21 -40.15 2.42
C LEU A 85 -34.26 -39.01 2.02
N ALA A 86 -34.08 -38.05 2.93
CA ALA A 86 -33.21 -36.93 2.66
C ALA A 86 -31.76 -37.41 2.45
N TRP A 87 -31.24 -38.22 3.38
CA TRP A 87 -29.88 -38.72 3.24
C TRP A 87 -29.57 -39.60 2.03
N ARG A 88 -30.58 -40.25 1.44
CA ARG A 88 -30.31 -41.07 0.27
C ARG A 88 -29.98 -40.12 -0.86
N GLN A 89 -30.68 -39.00 -0.91
CA GLN A 89 -30.46 -38.04 -1.99
C GLN A 89 -29.17 -37.27 -1.76
N ILE A 90 -28.79 -37.09 -0.50
CA ILE A 90 -27.55 -36.39 -0.26
C ILE A 90 -26.39 -37.29 -0.71
N GLU A 91 -26.48 -38.58 -0.39
CA GLU A 91 -25.43 -39.50 -0.78
C GLU A 91 -25.45 -39.63 -2.29
N GLN A 92 -26.63 -39.54 -2.88
CA GLN A 92 -26.72 -39.65 -4.32
C GLN A 92 -25.85 -38.57 -4.95
N ASP A 93 -25.96 -37.33 -4.46
CA ASP A 93 -25.17 -36.26 -5.03
C ASP A 93 -23.67 -36.48 -4.77
N LEU A 94 -23.33 -36.95 -3.57
CA LEU A 94 -21.94 -37.23 -3.27
C LEU A 94 -21.40 -38.29 -4.22
N GLN A 95 -22.23 -39.25 -4.60
CA GLN A 95 -21.81 -40.30 -5.50
C GLN A 95 -22.03 -39.93 -6.95
N ARG A 96 -22.40 -38.68 -7.24
CA ARG A 96 -22.63 -38.33 -8.65
C ARG A 96 -21.34 -38.42 -9.44
N SER A 97 -21.48 -38.54 -10.77
CA SER A 97 -20.34 -38.64 -11.70
C SER A 97 -19.36 -37.48 -11.53
N SER A 98 -19.87 -36.36 -11.02
CA SER A 98 -19.10 -35.17 -10.77
C SER A 98 -18.25 -34.68 -11.95
N THR A 99 -18.82 -34.68 -13.15
CA THR A 99 -18.11 -34.20 -14.33
C THR A 99 -17.91 -32.70 -14.14
N LEU A 100 -17.04 -32.09 -14.93
CA LEU A 100 -16.80 -30.67 -14.80
C LEU A 100 -17.12 -29.93 -16.08
N ILE A 101 -17.02 -30.63 -17.21
CA ILE A 101 -17.29 -29.99 -18.49
C ILE A 101 -18.77 -29.59 -18.62
N ASP A 102 -18.99 -28.36 -19.03
CA ASP A 102 -20.33 -27.83 -19.25
C ASP A 102 -21.40 -28.23 -18.22
N ALA A 103 -21.02 -28.47 -16.97
CA ALA A 103 -22.00 -28.85 -15.95
C ALA A 103 -22.03 -27.90 -14.73
N PRO A 104 -23.11 -27.97 -13.94
CA PRO A 104 -23.18 -27.10 -12.77
C PRO A 104 -22.17 -27.56 -11.76
N ILE A 105 -21.42 -26.62 -11.18
CA ILE A 105 -20.41 -26.97 -10.20
C ILE A 105 -20.96 -27.10 -8.80
N THR A 106 -22.13 -26.55 -8.53
CA THR A 106 -22.66 -26.69 -7.17
C THR A 106 -24.04 -27.31 -7.13
N SER A 107 -24.47 -27.67 -5.93
CA SER A 107 -25.79 -28.26 -5.72
C SER A 107 -26.32 -27.71 -4.39
N HIS A 108 -27.63 -27.46 -4.33
CA HIS A 108 -28.25 -26.93 -3.12
C HIS A 108 -29.56 -27.65 -2.86
N GLN A 109 -29.63 -28.34 -1.72
CA GLN A 109 -30.83 -29.06 -1.41
C GLN A 109 -31.32 -28.67 -0.02
N VAL A 110 -32.63 -28.52 0.16
CA VAL A 110 -33.17 -28.18 1.47
C VAL A 110 -34.28 -29.15 1.83
N TYR A 111 -34.32 -29.59 3.08
CA TYR A 111 -35.35 -30.53 3.51
C TYR A 111 -36.04 -30.15 4.79
N ARG A 112 -37.36 -30.10 4.74
CA ARG A 112 -38.13 -29.83 5.94
C ARG A 112 -38.44 -31.25 6.41
N LEU A 113 -37.79 -31.68 7.47
CA LEU A 113 -38.00 -33.02 8.00
C LEU A 113 -39.23 -33.03 8.89
N SER A 114 -39.37 -31.99 9.70
CA SER A 114 -40.50 -31.83 10.60
C SER A 114 -40.65 -30.32 10.75
N HIS A 115 -41.62 -29.84 11.50
CA HIS A 115 -41.77 -28.39 11.63
C HIS A 115 -40.60 -27.77 12.41
N SER A 116 -39.88 -28.58 13.17
CA SER A 116 -38.75 -28.07 13.96
C SER A 116 -37.39 -28.63 13.50
N GLU A 117 -37.40 -29.31 12.36
CA GLU A 117 -36.18 -29.92 11.86
C GLU A 117 -35.97 -29.66 10.37
N HIS A 118 -34.86 -29.03 10.04
CA HIS A 118 -34.51 -28.75 8.64
C HIS A 118 -33.09 -29.22 8.31
N LEU A 119 -32.91 -29.65 7.07
CA LEU A 119 -31.60 -30.12 6.63
C LEU A 119 -31.18 -29.39 5.36
N ILE A 120 -30.07 -28.67 5.44
CA ILE A 120 -29.53 -27.94 4.30
C ILE A 120 -28.26 -28.62 3.84
N TYR A 121 -28.19 -28.89 2.55
CA TYR A 121 -27.04 -29.54 1.96
C TYR A 121 -26.47 -28.64 0.88
N THR A 122 -25.19 -28.32 1.02
CA THR A 122 -24.48 -27.48 0.07
C THR A 122 -23.28 -28.22 -0.47
N ARG A 123 -23.12 -28.26 -1.78
CA ARG A 123 -21.97 -28.93 -2.37
C ARG A 123 -21.37 -28.14 -3.51
N ALA A 124 -20.05 -28.14 -3.55
CA ALA A 124 -19.33 -27.45 -4.60
C ALA A 124 -18.05 -28.21 -4.90
N HIS A 125 -17.39 -27.86 -5.97
CA HIS A 125 -16.12 -28.47 -6.30
C HIS A 125 -15.04 -27.52 -5.76
N HIS A 126 -13.95 -28.08 -5.24
CA HIS A 126 -12.88 -27.26 -4.71
C HIS A 126 -12.36 -26.18 -5.68
N ILE A 127 -12.66 -26.35 -6.96
CA ILE A 127 -12.18 -25.43 -7.98
C ILE A 127 -12.90 -24.06 -7.98
N VAL A 128 -14.01 -23.96 -7.26
CA VAL A 128 -14.72 -22.67 -7.16
C VAL A 128 -14.99 -22.28 -5.70
N LEU A 129 -14.48 -23.08 -4.76
CA LEU A 129 -14.70 -22.80 -3.35
C LEU A 129 -13.72 -23.52 -2.43
N ASP A 130 -13.21 -22.81 -1.41
CA ASP A 130 -12.33 -23.40 -0.42
C ASP A 130 -13.04 -23.33 0.93
N GLY A 131 -12.32 -23.62 2.02
CA GLY A 131 -12.97 -23.60 3.31
C GLY A 131 -13.53 -22.26 3.70
N TYR A 132 -12.71 -21.24 3.57
CA TYR A 132 -13.09 -19.88 3.95
C TYR A 132 -14.31 -19.46 3.10
N GLY A 133 -14.30 -19.81 1.82
CA GLY A 133 -15.45 -19.47 0.99
C GLY A 133 -16.74 -20.10 1.54
N MET A 134 -16.62 -21.36 1.97
CA MET A 134 -17.73 -22.10 2.51
C MET A 134 -18.31 -21.38 3.72
N MET A 135 -17.46 -20.99 4.67
CA MET A 135 -18.00 -20.32 5.83
C MET A 135 -18.59 -18.97 5.45
N LEU A 136 -17.99 -18.28 4.47
CA LEU A 136 -18.54 -17.00 4.03
C LEU A 136 -19.96 -17.27 3.53
N PHE A 137 -20.13 -18.35 2.77
CA PHE A 137 -21.44 -18.72 2.26
C PHE A 137 -22.41 -18.98 3.42
N GLU A 138 -21.91 -19.57 4.50
CA GLU A 138 -22.75 -19.89 5.64
C GLU A 138 -23.17 -18.66 6.42
N GLN A 139 -22.21 -17.77 6.66
CA GLN A 139 -22.51 -16.57 7.39
C GLN A 139 -23.49 -15.68 6.61
N ARG A 140 -23.31 -15.63 5.30
CA ARG A 140 -24.21 -14.84 4.47
C ARG A 140 -25.62 -15.45 4.57
N LEU A 141 -25.73 -16.78 4.51
CA LEU A 141 -27.03 -17.40 4.61
C LEU A 141 -27.66 -16.95 5.91
N SER A 142 -26.87 -16.98 6.96
CA SER A 142 -27.31 -16.54 8.27
C SER A 142 -27.82 -15.09 8.18
N GLN A 143 -26.99 -14.20 7.64
CA GLN A 143 -27.34 -12.80 7.52
C GLN A 143 -28.66 -12.56 6.82
N HIS A 144 -28.83 -13.16 5.65
CA HIS A 144 -30.07 -12.95 4.94
C HIS A 144 -31.27 -13.47 5.74
N TYR A 145 -31.12 -14.62 6.40
CA TYR A 145 -32.24 -15.15 7.18
C TYR A 145 -32.65 -14.17 8.28
N GLN A 146 -31.67 -13.67 9.03
CA GLN A 146 -31.96 -12.75 10.11
C GLN A 146 -32.64 -11.50 9.60
N SER A 147 -32.21 -11.02 8.43
CA SER A 147 -32.79 -9.83 7.86
C SER A 147 -34.23 -10.09 7.50
N LEU A 148 -34.48 -11.23 6.85
CA LEU A 148 -35.83 -11.53 6.45
C LEU A 148 -36.74 -11.69 7.66
N LEU A 149 -36.23 -12.36 8.69
CA LEU A 149 -37.01 -12.61 9.89
C LEU A 149 -37.31 -11.32 10.64
N SER A 150 -36.32 -10.44 10.74
CA SER A 150 -36.51 -9.19 11.48
C SER A 150 -37.02 -8.05 10.60
N GLY A 151 -37.29 -8.36 9.35
CA GLY A 151 -37.80 -7.35 8.44
C GLY A 151 -36.90 -6.14 8.20
N GLN A 152 -35.59 -6.33 8.29
CA GLN A 152 -34.66 -5.23 8.03
C GLN A 152 -34.03 -5.37 6.65
N THR A 153 -33.41 -4.28 6.19
CA THR A 153 -32.75 -4.27 4.91
C THR A 153 -31.46 -5.02 5.15
N PRO A 154 -31.15 -5.98 4.27
CA PRO A 154 -29.91 -6.74 4.48
C PRO A 154 -28.65 -5.93 4.20
N THR A 155 -27.55 -6.28 4.85
CA THR A 155 -26.31 -5.57 4.60
C THR A 155 -25.82 -5.88 3.21
N ALA A 156 -24.69 -5.28 2.85
CA ALA A 156 -24.13 -5.44 1.54
C ALA A 156 -23.86 -6.88 1.11
N ALA A 157 -24.01 -7.07 -0.19
CA ALA A 157 -23.82 -8.32 -0.89
C ALA A 157 -22.33 -8.58 -1.17
N PHE A 158 -22.00 -9.81 -1.52
CA PHE A 158 -20.63 -10.15 -1.86
C PHE A 158 -20.27 -9.30 -3.09
N LYS A 159 -19.01 -8.89 -3.20
CA LYS A 159 -18.59 -8.10 -4.36
C LYS A 159 -18.53 -9.10 -5.53
N PRO A 160 -18.67 -8.61 -6.78
CA PRO A 160 -18.61 -9.54 -7.90
C PRO A 160 -17.26 -10.21 -8.01
N TYR A 161 -17.25 -11.43 -8.55
CA TYR A 161 -16.00 -12.18 -8.69
C TYR A 161 -15.05 -11.40 -9.58
N GLN A 162 -15.62 -10.66 -10.54
CA GLN A 162 -14.85 -9.84 -11.46
C GLN A 162 -13.98 -8.82 -10.75
N SER A 163 -14.42 -8.34 -9.60
CA SER A 163 -13.60 -7.37 -8.87
C SER A 163 -12.35 -8.09 -8.38
N TYR A 164 -12.49 -9.34 -7.98
CA TYR A 164 -11.35 -10.12 -7.52
C TYR A 164 -10.40 -10.40 -8.70
N LEU A 165 -10.95 -10.76 -9.85
CA LEU A 165 -10.08 -11.02 -10.98
C LEU A 165 -9.23 -9.81 -11.26
N GLU A 166 -9.87 -8.64 -11.27
CA GLU A 166 -9.15 -7.40 -11.53
C GLU A 166 -8.05 -7.19 -10.50
N GLU A 167 -8.39 -7.34 -9.23
CA GLU A 167 -7.41 -7.16 -8.18
C GLU A 167 -6.25 -8.14 -8.42
N GLU A 168 -6.57 -9.42 -8.67
CA GLU A 168 -5.54 -10.43 -8.88
C GLU A 168 -4.70 -10.10 -10.10
N ALA A 169 -5.35 -9.59 -11.13
CA ALA A 169 -4.64 -9.22 -12.35
C ALA A 169 -3.60 -8.11 -12.07
N ALA A 170 -4.04 -7.09 -11.35
CA ALA A 170 -3.18 -5.98 -11.01
C ALA A 170 -1.98 -6.44 -10.19
N TYR A 171 -2.24 -7.38 -9.27
CA TYR A 171 -1.17 -7.92 -8.41
C TYR A 171 -0.11 -8.66 -9.22
N LEU A 172 -0.56 -9.44 -10.21
CA LEU A 172 0.34 -10.21 -11.06
C LEU A 172 1.30 -9.36 -11.88
N THR A 173 0.94 -8.09 -12.08
CA THR A 173 1.78 -7.18 -12.85
C THR A 173 2.44 -6.16 -11.95
N SER A 174 2.18 -6.22 -10.66
CA SER A 174 2.76 -5.28 -9.71
C SER A 174 4.18 -5.62 -9.31
N HIS A 175 4.87 -4.66 -8.72
CA HIS A 175 6.23 -4.90 -8.25
C HIS A 175 6.20 -5.90 -7.09
N ARG A 176 5.13 -5.87 -6.29
CA ARG A 176 4.98 -6.78 -5.15
C ARG A 176 5.13 -8.23 -5.62
N TYR A 177 4.55 -8.53 -6.77
CA TYR A 177 4.65 -9.86 -7.36
C TYR A 177 6.13 -10.23 -7.39
N TRP A 178 6.95 -9.32 -7.88
CA TRP A 178 8.37 -9.61 -7.97
C TRP A 178 9.09 -9.62 -6.62
N GLN A 179 8.62 -8.84 -5.67
CA GLN A 179 9.24 -8.88 -4.36
C GLN A 179 8.89 -10.25 -3.77
N ASP A 180 7.68 -10.72 -4.04
CA ASP A 180 7.26 -12.00 -3.51
C ASP A 180 8.12 -13.13 -4.09
N LYS A 181 8.22 -13.19 -5.42
CA LYS A 181 9.05 -14.23 -6.04
C LYS A 181 10.44 -14.18 -5.40
N GLN A 182 10.97 -12.97 -5.30
CA GLN A 182 12.28 -12.75 -4.70
C GLN A 182 12.36 -13.44 -3.33
N PHE A 183 11.39 -13.15 -2.48
CA PHE A 183 11.34 -13.70 -1.14
C PHE A 183 11.28 -15.22 -1.03
N TRP A 184 10.41 -15.87 -1.82
CA TRP A 184 10.32 -17.32 -1.72
C TRP A 184 11.60 -17.92 -2.26
N GLN A 185 12.14 -17.30 -3.30
CA GLN A 185 13.38 -17.78 -3.88
C GLN A 185 14.52 -17.83 -2.83
N GLY A 186 14.63 -16.77 -2.05
CA GLY A 186 15.67 -16.75 -1.04
C GLY A 186 15.40 -17.64 0.13
N TYR A 187 14.11 -17.73 0.50
CA TYR A 187 13.67 -18.54 1.62
C TYR A 187 14.06 -20.01 1.43
N LEU A 188 13.79 -20.52 0.23
CA LEU A 188 14.09 -21.90 -0.09
C LEU A 188 15.58 -22.15 -0.32
N ARG A 189 16.28 -21.18 -0.89
CA ARG A 189 17.71 -21.34 -1.18
C ARG A 189 18.49 -21.59 0.11
N GLU A 190 18.25 -20.73 1.09
CA GLU A 190 18.91 -20.84 2.37
C GLU A 190 18.09 -21.79 3.23
N ALA A 191 17.83 -22.99 2.70
CA ALA A 191 17.02 -23.99 3.42
C ALA A 191 17.10 -25.40 2.83
N PRO A 192 16.79 -26.40 3.67
CA PRO A 192 16.80 -27.80 3.28
C PRO A 192 15.73 -27.98 2.20
N ASP A 193 15.94 -28.91 1.28
CA ASP A 193 15.01 -29.20 0.20
C ASP A 193 13.60 -29.56 0.65
N LEU A 194 12.64 -29.23 -0.20
CA LEU A 194 11.25 -29.58 0.08
C LEU A 194 11.04 -30.95 -0.53
N THR A 195 10.11 -31.72 0.03
CA THR A 195 9.84 -33.05 -0.50
C THR A 195 8.85 -33.00 -1.65
N LEU A 196 9.14 -33.73 -2.72
CA LEU A 196 8.25 -33.77 -3.86
C LEU A 196 7.22 -34.88 -3.68
N THR A 197 6.18 -34.82 -4.51
CA THR A 197 5.12 -35.81 -4.50
C THR A 197 5.72 -37.04 -5.16
N SER A 198 5.48 -38.20 -4.56
CA SER A 198 5.99 -39.44 -5.13
C SER A 198 5.46 -39.61 -6.54
N ALA A 199 6.28 -40.21 -7.39
CA ALA A 199 5.93 -40.45 -8.77
C ALA A 199 4.91 -41.58 -8.89
N THR A 200 4.82 -42.40 -7.86
CA THR A 200 3.90 -43.52 -7.87
C THR A 200 2.69 -43.27 -6.97
N TYR A 201 2.44 -42.01 -6.65
CA TYR A 201 1.30 -41.71 -5.82
C TYR A 201 0.02 -41.57 -6.62
N ASP A 202 -0.95 -42.41 -6.34
CA ASP A 202 -2.23 -42.36 -7.03
C ASP A 202 -3.25 -41.77 -6.06
N PRO A 203 -3.71 -40.54 -6.33
CA PRO A 203 -4.68 -39.82 -5.51
C PRO A 203 -5.89 -40.63 -5.13
N GLN A 204 -6.40 -41.44 -6.06
CA GLN A 204 -7.59 -42.23 -5.77
C GLN A 204 -7.38 -43.38 -4.80
N LEU A 205 -6.16 -43.88 -4.69
CA LEU A 205 -5.93 -44.97 -3.74
C LEU A 205 -5.82 -44.47 -2.30
N SER A 206 -6.22 -43.23 -2.04
CA SER A 206 -6.15 -42.70 -0.69
C SER A 206 -6.88 -43.60 0.31
N HIS A 207 -6.36 -43.69 1.53
CA HIS A 207 -6.95 -44.50 2.59
C HIS A 207 -6.73 -43.70 3.87
N ALA A 208 -7.74 -42.93 4.26
CA ALA A 208 -7.65 -42.07 5.44
C ALA A 208 -7.98 -42.68 6.79
N VAL A 209 -7.19 -42.30 7.78
CA VAL A 209 -7.41 -42.75 9.15
C VAL A 209 -7.35 -41.51 10.05
N SER A 210 -8.05 -41.53 11.17
CA SER A 210 -8.05 -40.37 12.04
C SER A 210 -8.42 -40.65 13.50
N LEU A 211 -8.07 -39.70 14.36
CA LEU A 211 -8.34 -39.78 15.79
C LEU A 211 -8.48 -38.36 16.30
N SER A 212 -9.39 -38.16 17.24
CA SER A 212 -9.63 -36.83 17.79
C SER A 212 -9.35 -36.80 19.27
N TYR A 213 -8.62 -35.77 19.70
CA TYR A 213 -8.28 -35.57 21.11
C TYR A 213 -8.74 -34.18 21.51
N THR A 214 -9.61 -34.12 22.53
CA THR A 214 -10.12 -32.84 23.01
C THR A 214 -9.15 -32.26 24.02
N LEU A 215 -8.70 -31.04 23.74
CA LEU A 215 -7.77 -30.35 24.62
C LEU A 215 -8.44 -29.94 25.92
N ASN A 216 -7.72 -30.16 27.01
CA ASN A 216 -8.20 -29.81 28.33
C ASN A 216 -8.42 -28.29 28.39
N SER A 217 -9.49 -27.88 29.06
CA SER A 217 -9.80 -26.45 29.18
C SER A 217 -8.66 -25.63 29.77
N GLN A 218 -8.00 -26.17 30.78
CA GLN A 218 -6.89 -25.45 31.41
C GLN A 218 -5.83 -25.11 30.37
N LEU A 219 -5.67 -25.99 29.37
CA LEU A 219 -4.70 -25.75 28.31
C LEU A 219 -5.16 -24.57 27.46
N ASN A 220 -6.46 -24.49 27.20
CA ASN A 220 -7.01 -23.40 26.39
C ASN A 220 -6.74 -22.04 27.01
N HIS A 221 -6.88 -21.94 28.32
CA HIS A 221 -6.61 -20.68 29.00
C HIS A 221 -5.13 -20.35 28.79
N LEU A 222 -4.28 -21.34 28.99
CA LEU A 222 -2.83 -21.16 28.82
C LEU A 222 -2.50 -20.77 27.37
N LEU A 223 -3.18 -21.43 26.44
CA LEU A 223 -3.00 -21.20 25.01
C LEU A 223 -3.23 -19.72 24.74
N LEU A 224 -4.32 -19.19 25.28
CA LEU A 224 -4.64 -17.78 25.10
C LEU A 224 -3.53 -16.95 25.71
N LYS A 225 -3.27 -17.12 27.01
CA LYS A 225 -2.20 -16.35 27.66
C LYS A 225 -0.97 -16.36 26.78
N LEU A 226 -0.47 -17.56 26.49
CA LEU A 226 0.71 -17.71 25.65
C LEU A 226 0.61 -16.85 24.38
N ALA A 227 -0.56 -16.88 23.76
CA ALA A 227 -0.81 -16.12 22.53
C ALA A 227 -0.68 -14.63 22.78
N ASN A 228 -1.40 -14.15 23.79
CA ASN A 228 -1.37 -12.75 24.18
C ASN A 228 0.06 -12.27 24.42
N ALA A 229 0.74 -12.98 25.32
CA ALA A 229 2.11 -12.65 25.69
C ALA A 229 3.05 -12.49 24.52
N ASN A 230 2.71 -13.07 23.38
CA ASN A 230 3.59 -12.95 22.22
C ASN A 230 2.97 -12.11 21.11
N GLN A 231 1.90 -11.39 21.44
CA GLN A 231 1.24 -10.53 20.46
C GLN A 231 0.89 -11.30 19.18
N ILE A 232 0.36 -12.50 19.35
CA ILE A 232 -0.07 -13.34 18.23
C ILE A 232 -1.41 -13.96 18.61
N GLY A 233 -2.19 -14.35 17.60
CA GLY A 233 -3.47 -14.96 17.89
C GLY A 233 -3.25 -16.44 18.22
N TRP A 234 -4.22 -17.08 18.86
CA TRP A 234 -4.04 -18.50 19.19
C TRP A 234 -3.80 -19.40 17.98
N PRO A 235 -4.46 -19.10 16.84
CA PRO A 235 -4.20 -19.99 15.69
C PRO A 235 -2.68 -20.00 15.35
N ASP A 236 -2.11 -18.82 15.14
CA ASP A 236 -0.68 -18.72 14.84
C ASP A 236 0.15 -19.32 15.96
N ALA A 237 -0.37 -19.25 17.18
CA ALA A 237 0.34 -19.79 18.35
C ALA A 237 0.41 -21.31 18.27
N LEU A 238 -0.71 -21.93 17.90
CA LEU A 238 -0.77 -23.39 17.79
C LEU A 238 0.17 -23.84 16.67
N VAL A 239 0.31 -23.03 15.63
CA VAL A 239 1.18 -23.39 14.52
C VAL A 239 2.61 -23.43 15.03
N ALA A 240 2.94 -22.49 15.90
CA ALA A 240 4.27 -22.38 16.50
C ALA A 240 4.48 -23.58 17.42
N LEU A 241 3.53 -23.78 18.34
CA LEU A 241 3.57 -24.91 19.27
C LEU A 241 3.66 -26.22 18.51
N CYS A 242 2.88 -26.35 17.45
CA CYS A 242 2.90 -27.56 16.65
C CYS A 242 4.30 -27.77 16.08
N ALA A 243 4.93 -26.69 15.63
CA ALA A 243 6.28 -26.83 15.07
C ALA A 243 7.28 -27.21 16.15
N LEU A 244 7.10 -26.68 17.35
CA LEU A 244 7.99 -27.00 18.47
C LEU A 244 7.89 -28.50 18.70
N TYR A 245 6.65 -28.98 18.76
CA TYR A 245 6.33 -30.39 18.97
C TYR A 245 7.02 -31.30 17.96
N LEU A 246 7.00 -30.89 16.70
CA LEU A 246 7.60 -31.67 15.64
C LEU A 246 9.11 -31.68 15.76
N GLU A 247 9.65 -30.89 16.67
CA GLU A 247 11.10 -30.86 16.84
C GLU A 247 11.57 -32.20 17.37
N SER A 248 10.79 -32.78 18.28
CA SER A 248 11.12 -34.08 18.84
C SER A 248 10.40 -35.17 18.07
N ALA A 249 9.09 -35.02 17.93
CA ALA A 249 8.24 -35.99 17.24
C ALA A 249 8.62 -36.37 15.82
N GLU A 250 9.25 -35.47 15.08
CA GLU A 250 9.62 -35.76 13.69
C GLU A 250 10.73 -34.79 13.28
N PRO A 251 11.84 -34.80 14.03
CA PRO A 251 12.99 -33.92 13.77
C PRO A 251 13.48 -33.88 12.32
N ASP A 252 13.37 -34.99 11.60
CA ASP A 252 13.83 -35.04 10.22
C ASP A 252 12.95 -34.32 9.21
N ALA A 253 11.82 -33.80 9.67
CA ALA A 253 10.92 -33.04 8.81
C ALA A 253 11.18 -31.57 9.09
N PRO A 254 11.96 -30.91 8.24
CA PRO A 254 12.23 -29.49 8.47
C PRO A 254 11.07 -28.56 8.15
N TRP A 255 10.09 -29.05 7.39
CA TRP A 255 8.97 -28.20 7.02
C TRP A 255 7.61 -28.53 7.62
N LEU A 256 6.81 -27.48 7.83
CA LEU A 256 5.43 -27.60 8.33
C LEU A 256 4.62 -26.81 7.31
N TRP A 257 3.65 -27.44 6.65
CA TRP A 257 2.87 -26.72 5.66
C TRP A 257 1.63 -26.10 6.28
N LEU A 258 1.31 -24.90 5.81
CA LEU A 258 0.18 -24.10 6.28
C LEU A 258 -0.71 -23.62 5.17
N PRO A 259 -1.96 -23.31 5.49
CA PRO A 259 -2.83 -22.81 4.44
C PRO A 259 -2.98 -21.31 4.72
N PHE A 260 -2.57 -20.46 3.80
CA PHE A 260 -2.76 -19.01 3.98
C PHE A 260 -4.05 -18.67 3.19
N MET A 261 -5.09 -18.25 3.91
CA MET A 261 -6.38 -17.96 3.29
C MET A 261 -6.30 -17.03 2.08
N ASN A 262 -5.40 -16.05 2.14
CA ASN A 262 -5.23 -15.12 1.04
C ASN A 262 -6.48 -14.21 0.89
N ARG A 263 -7.13 -13.91 2.01
CA ARG A 263 -8.31 -13.05 2.06
C ARG A 263 -7.92 -11.73 2.72
N TRP A 264 -6.81 -11.77 3.46
CA TRP A 264 -6.29 -10.61 4.18
C TRP A 264 -6.05 -9.37 3.32
N GLY A 265 -6.70 -8.27 3.70
CA GLY A 265 -6.56 -7.04 2.94
C GLY A 265 -7.03 -7.09 1.51
N SER A 266 -7.81 -8.10 1.14
CA SER A 266 -8.28 -8.22 -0.25
C SER A 266 -9.78 -8.23 -0.43
N VAL A 267 -10.22 -7.91 -1.62
CA VAL A 267 -11.64 -7.91 -1.90
C VAL A 267 -12.16 -9.35 -1.83
N ALA A 268 -11.23 -10.30 -1.82
CA ALA A 268 -11.58 -11.71 -1.73
C ALA A 268 -12.23 -11.95 -0.38
N ALA A 269 -12.07 -10.99 0.53
CA ALA A 269 -12.66 -11.15 1.86
C ALA A 269 -14.17 -11.06 1.73
N ASN A 270 -14.63 -10.61 0.57
CA ASN A 270 -16.06 -10.49 0.31
C ASN A 270 -16.41 -11.15 -1.00
N VAL A 271 -15.69 -12.20 -1.36
CA VAL A 271 -15.96 -12.90 -2.60
C VAL A 271 -15.69 -14.37 -2.39
N PRO A 272 -16.73 -15.15 -2.17
CA PRO A 272 -16.54 -16.59 -1.96
C PRO A 272 -15.87 -17.14 -3.23
N GLY A 273 -14.86 -17.98 -3.06
CA GLY A 273 -14.18 -18.57 -4.19
C GLY A 273 -12.97 -19.36 -3.76
N LEU A 274 -12.07 -19.63 -4.70
CA LEU A 274 -10.85 -20.38 -4.41
C LEU A 274 -9.65 -19.45 -4.29
N MET A 275 -9.12 -19.32 -3.08
CA MET A 275 -7.97 -18.46 -2.91
C MET A 275 -6.89 -19.03 -1.99
N VAL A 276 -7.25 -20.03 -1.19
CA VAL A 276 -6.31 -20.61 -0.25
C VAL A 276 -5.01 -21.03 -0.94
N ASN A 277 -3.89 -20.82 -0.25
CA ASN A 277 -2.57 -21.15 -0.81
C ASN A 277 -1.77 -21.89 0.23
N SER A 278 -1.16 -22.99 -0.18
CA SER A 278 -0.35 -23.82 0.71
C SER A 278 1.09 -23.34 0.72
N LEU A 279 1.59 -23.02 1.91
CA LEU A 279 2.95 -22.52 2.01
C LEU A 279 3.80 -23.26 3.03
N PRO A 280 5.09 -23.41 2.74
CA PRO A 280 5.93 -24.11 3.70
C PRO A 280 6.63 -23.17 4.70
N LEU A 281 6.56 -23.54 5.98
CA LEU A 281 7.19 -22.81 7.08
C LEU A 281 8.42 -23.61 7.48
N LEU A 282 9.58 -22.99 7.51
CA LEU A 282 10.79 -23.70 7.90
C LEU A 282 10.75 -23.59 9.40
N ARG A 283 10.64 -24.73 10.08
CA ARG A 283 10.55 -24.71 11.52
C ARG A 283 11.83 -24.25 12.16
N LEU A 284 11.70 -23.40 13.16
CA LEU A 284 12.84 -22.89 13.89
C LEU A 284 13.34 -23.96 14.86
N SER A 285 14.65 -23.94 15.14
CA SER A 285 15.25 -24.88 16.07
C SER A 285 14.83 -24.53 17.50
N ALA A 286 14.77 -25.55 18.37
CA ALA A 286 14.40 -25.33 19.76
C ALA A 286 15.66 -25.18 20.62
N GLN A 287 16.80 -25.49 20.03
CA GLN A 287 18.09 -25.40 20.72
C GLN A 287 18.55 -23.96 20.94
N GLN A 288 19.01 -23.66 22.14
CA GLN A 288 19.49 -22.33 22.48
C GLN A 288 18.43 -21.24 22.36
N THR A 289 17.28 -21.45 22.96
CA THR A 289 16.23 -20.46 22.88
C THR A 289 15.18 -20.76 23.92
N SER A 290 14.49 -19.72 24.34
CA SER A 290 13.44 -19.87 25.31
C SER A 290 12.13 -20.12 24.57
N LEU A 291 11.17 -20.72 25.26
CA LEU A 291 9.86 -20.99 24.69
C LEU A 291 9.32 -19.64 24.23
N GLY A 292 9.48 -18.65 25.10
CA GLY A 292 9.01 -17.31 24.80
C GLY A 292 9.60 -16.80 23.51
N ASN A 293 10.91 -16.95 23.35
CA ASN A 293 11.53 -16.49 22.12
C ASN A 293 11.11 -17.39 20.93
N TYR A 294 10.77 -18.63 21.22
CA TYR A 294 10.37 -19.55 20.15
C TYR A 294 9.05 -19.09 19.55
N LEU A 295 8.04 -18.90 20.39
CA LEU A 295 6.75 -18.44 19.91
C LEU A 295 6.87 -17.11 19.15
N LYS A 296 7.47 -16.09 19.77
CA LYS A 296 7.63 -14.79 19.13
C LYS A 296 8.29 -14.89 17.77
N GLN A 297 9.44 -15.57 17.70
CA GLN A 297 10.15 -15.71 16.44
C GLN A 297 9.44 -16.60 15.41
N SER A 298 8.60 -17.52 15.87
CA SER A 298 7.86 -18.37 14.94
C SER A 298 6.78 -17.49 14.35
N GLY A 299 6.09 -16.76 15.23
CA GLY A 299 5.03 -15.86 14.79
C GLY A 299 5.49 -14.92 13.68
N GLN A 300 6.72 -14.42 13.79
CA GLN A 300 7.25 -13.51 12.80
C GLN A 300 7.49 -14.25 11.50
N ALA A 301 8.04 -15.46 11.61
CA ALA A 301 8.32 -16.29 10.44
C ALA A 301 6.98 -16.59 9.75
N ILE A 302 5.96 -16.89 10.56
CA ILE A 302 4.66 -17.17 10.00
C ILE A 302 4.11 -15.93 9.31
N ARG A 303 4.16 -14.80 10.02
CA ARG A 303 3.66 -13.53 9.47
C ARG A 303 4.32 -13.24 8.12
N SER A 304 5.63 -13.45 8.09
CA SER A 304 6.39 -13.23 6.90
C SER A 304 5.78 -14.07 5.76
N LEU A 305 5.29 -15.27 6.08
CA LEU A 305 4.70 -16.11 5.04
C LEU A 305 3.42 -15.44 4.49
N TYR A 306 2.59 -14.93 5.38
CA TYR A 306 1.37 -14.25 4.96
C TYR A 306 1.64 -13.03 4.07
N LEU A 307 2.67 -12.25 4.40
CA LEU A 307 3.00 -11.06 3.63
C LEU A 307 3.40 -11.36 2.18
N HIS A 308 4.01 -12.52 1.94
CA HIS A 308 4.41 -12.88 0.59
C HIS A 308 3.49 -14.00 0.10
N GLY A 309 2.46 -14.27 0.91
CA GLY A 309 1.50 -15.32 0.65
C GLY A 309 0.61 -15.34 -0.59
N ARG A 310 0.50 -14.23 -1.29
CA ARG A 310 -0.36 -14.16 -2.47
C ARG A 310 0.35 -14.76 -3.67
N TYR A 311 1.64 -15.05 -3.52
CA TYR A 311 2.42 -15.66 -4.61
C TYR A 311 2.04 -17.15 -4.58
N ARG A 312 1.49 -17.63 -5.67
CA ARG A 312 1.06 -19.02 -5.76
C ARG A 312 2.16 -20.08 -5.63
N ILE A 313 1.90 -21.06 -4.78
CA ILE A 313 2.85 -22.14 -4.56
C ILE A 313 3.07 -22.87 -5.89
N GLU A 314 2.06 -22.92 -6.74
CA GLU A 314 2.21 -23.59 -8.03
C GLU A 314 3.28 -22.85 -8.80
N GLN A 315 3.27 -21.52 -8.63
CA GLN A 315 4.23 -20.65 -9.31
C GLN A 315 5.61 -20.94 -8.72
N ILE A 316 5.68 -21.03 -7.40
CA ILE A 316 6.93 -21.35 -6.74
C ILE A 316 7.44 -22.68 -7.32
N GLU A 317 6.58 -23.68 -7.42
CA GLU A 317 7.01 -24.96 -7.98
C GLU A 317 7.73 -24.72 -9.30
N GLN A 318 7.12 -23.92 -10.18
CA GLN A 318 7.75 -23.63 -11.48
C GLN A 318 9.09 -22.92 -11.29
N ASP A 319 9.12 -21.95 -10.38
CA ASP A 319 10.32 -21.19 -10.12
C ASP A 319 11.45 -22.10 -9.65
N GLN A 320 11.10 -23.13 -8.89
CA GLN A 320 12.09 -24.05 -8.37
C GLN A 320 12.45 -25.17 -9.34
N GLY A 321 12.01 -25.07 -10.58
CA GLY A 321 12.38 -26.11 -11.52
C GLY A 321 11.55 -27.39 -11.65
N LEU A 322 10.58 -27.64 -10.78
CA LEU A 322 9.78 -28.85 -10.96
C LEU A 322 9.18 -28.77 -12.35
N ASN A 323 8.90 -29.93 -12.95
CA ASN A 323 8.29 -29.96 -14.28
C ASN A 323 6.78 -30.02 -14.08
N ALA A 324 6.02 -29.95 -15.16
CA ALA A 324 4.57 -29.98 -15.05
C ALA A 324 4.03 -31.20 -14.30
N GLU A 325 4.63 -32.37 -14.51
CA GLU A 325 4.16 -33.58 -13.84
C GLU A 325 4.56 -33.68 -12.36
N GLN A 326 5.17 -32.62 -11.82
CA GLN A 326 5.56 -32.67 -10.42
C GLN A 326 4.81 -31.70 -9.52
N SER A 327 4.89 -31.96 -8.22
CA SER A 327 4.24 -31.13 -7.21
C SER A 327 4.92 -31.39 -5.86
N TYR A 328 4.76 -30.48 -4.91
CA TYR A 328 5.37 -30.68 -3.60
C TYR A 328 4.48 -31.55 -2.73
N PHE A 329 5.12 -32.32 -1.86
CA PHE A 329 4.40 -33.17 -0.91
C PHE A 329 4.15 -32.26 0.26
N MET A 330 2.97 -31.65 0.33
CA MET A 330 2.69 -30.73 1.43
C MET A 330 2.38 -31.42 2.75
N SER A 331 3.38 -32.06 3.31
CA SER A 331 3.22 -32.75 4.59
C SER A 331 4.50 -32.68 5.38
N PRO A 332 4.42 -32.58 6.71
CA PRO A 332 3.20 -32.49 7.54
C PRO A 332 2.44 -31.17 7.31
N PHE A 333 1.14 -31.20 7.54
CA PHE A 333 0.27 -30.05 7.30
C PHE A 333 -0.59 -29.69 8.52
N ILE A 334 -0.73 -28.39 8.79
CA ILE A 334 -1.55 -27.98 9.92
C ILE A 334 -2.71 -27.08 9.44
N ASN A 335 -3.88 -27.28 10.04
CA ASN A 335 -5.09 -26.55 9.69
C ASN A 335 -5.74 -26.10 10.97
N ILE A 336 -6.19 -24.86 11.00
CA ILE A 336 -6.90 -24.38 12.18
C ILE A 336 -8.31 -24.05 11.71
N LEU A 337 -9.31 -24.67 12.32
CA LEU A 337 -10.70 -24.42 11.96
C LEU A 337 -11.39 -23.76 13.14
N PRO A 338 -11.36 -22.42 13.18
CA PRO A 338 -11.92 -21.55 14.22
C PRO A 338 -13.36 -21.07 14.12
N PHE A 339 -13.90 -21.06 12.91
CA PHE A 339 -15.25 -20.55 12.68
C PHE A 339 -16.43 -21.36 13.22
N GLU A 340 -17.40 -20.65 13.81
CA GLU A 340 -18.59 -21.28 14.36
C GLU A 340 -19.58 -21.61 13.25
N SER A 341 -20.47 -22.55 13.49
CA SER A 341 -21.46 -22.88 12.49
C SER A 341 -22.43 -21.67 12.41
N PRO A 342 -23.08 -21.48 11.25
CA PRO A 342 -24.00 -20.34 11.11
C PRO A 342 -25.19 -20.39 12.09
N HIS A 343 -25.58 -19.24 12.63
CA HIS A 343 -26.70 -19.20 13.56
C HIS A 343 -28.06 -18.79 12.97
N PHE A 344 -29.13 -19.31 13.56
CA PHE A 344 -30.49 -18.98 13.13
C PHE A 344 -31.38 -18.86 14.38
N ALA A 345 -32.01 -17.70 14.54
CA ALA A 345 -32.89 -17.42 15.68
C ALA A 345 -33.64 -18.63 16.21
N ASP A 346 -33.55 -18.83 17.52
CA ASP A 346 -34.23 -19.93 18.19
C ASP A 346 -33.92 -21.32 17.63
N CYS A 347 -32.70 -21.54 17.16
CA CYS A 347 -32.32 -22.86 16.65
C CYS A 347 -30.91 -23.29 17.02
N GLN A 348 -30.69 -24.60 16.96
CA GLN A 348 -29.37 -25.15 17.21
C GLN A 348 -28.91 -25.57 15.82
N THR A 349 -27.63 -25.38 15.53
CA THR A 349 -27.08 -25.74 14.24
C THR A 349 -26.03 -26.83 14.40
N GLU A 350 -26.24 -27.93 13.69
CA GLU A 350 -25.28 -29.02 13.72
C GLU A 350 -24.69 -29.05 12.30
N LEU A 351 -23.41 -28.71 12.21
CA LEU A 351 -22.74 -28.68 10.91
C LEU A 351 -22.00 -29.98 10.69
N LYS A 352 -22.04 -30.52 9.48
CA LYS A 352 -21.32 -31.75 9.22
C LYS A 352 -20.58 -31.69 7.89
N VAL A 353 -19.27 -31.88 7.94
CA VAL A 353 -18.42 -31.88 6.75
C VAL A 353 -18.59 -33.25 6.09
N LEU A 354 -19.19 -33.27 4.90
CA LEU A 354 -19.46 -34.52 4.19
C LEU A 354 -18.40 -34.86 3.17
N ALA A 355 -17.66 -33.83 2.76
CA ALA A 355 -16.58 -33.97 1.80
C ALA A 355 -15.67 -32.76 1.91
N SER A 356 -14.37 -32.98 1.73
CA SER A 356 -13.42 -31.86 1.81
C SER A 356 -12.07 -32.13 1.20
N GLY A 357 -12.07 -32.71 0.00
CA GLY A 357 -10.83 -32.97 -0.67
C GLY A 357 -10.27 -34.33 -0.36
N SER A 358 -8.97 -34.48 -0.58
CA SER A 358 -8.30 -35.74 -0.35
C SER A 358 -7.13 -35.59 0.62
N ALA A 359 -7.02 -36.56 1.52
CA ALA A 359 -5.97 -36.56 2.53
C ALA A 359 -4.64 -37.02 1.92
N GLU A 360 -3.58 -36.26 2.16
CA GLU A 360 -2.27 -36.63 1.65
C GLU A 360 -1.27 -36.39 2.77
N GLY A 361 -0.42 -37.38 3.04
CA GLY A 361 0.55 -37.23 4.11
C GLY A 361 -0.14 -37.25 5.47
N ILE A 362 0.40 -36.55 6.44
CA ILE A 362 -0.23 -36.49 7.75
C ILE A 362 -0.71 -35.05 7.94
N ASN A 363 -1.85 -34.91 8.60
CA ASN A 363 -2.49 -33.61 8.81
C ASN A 363 -2.88 -33.40 10.29
N PHE A 364 -2.53 -32.23 10.84
CA PHE A 364 -2.89 -31.91 12.21
C PHE A 364 -3.94 -30.83 12.09
N THR A 365 -5.11 -31.07 12.65
CA THR A 365 -6.18 -30.10 12.55
C THR A 365 -6.74 -29.69 13.91
N PHE A 366 -6.96 -28.40 14.06
CA PHE A 366 -7.52 -27.90 15.30
C PHE A 366 -8.85 -27.26 14.99
N ARG A 367 -9.93 -27.86 15.47
CA ARG A 367 -11.25 -27.30 15.23
C ARG A 367 -11.85 -26.83 16.54
N GLY A 368 -12.42 -25.64 16.51
CA GLY A 368 -13.03 -25.07 17.71
C GLY A 368 -12.36 -23.78 18.14
N SER A 369 -12.31 -23.56 19.44
CA SER A 369 -11.75 -22.35 19.98
C SER A 369 -11.41 -22.48 21.46
N PRO A 370 -10.24 -21.98 21.87
CA PRO A 370 -9.85 -22.07 23.28
C PRO A 370 -10.90 -21.46 24.22
N GLN A 371 -11.79 -20.63 23.66
CA GLN A 371 -12.84 -20.00 24.42
C GLN A 371 -13.93 -21.01 24.78
N HIS A 372 -13.99 -22.11 24.01
CA HIS A 372 -14.99 -23.13 24.25
C HIS A 372 -14.32 -24.50 24.24
N GLU A 373 -14.66 -25.32 23.25
CA GLU A 373 -14.06 -26.63 23.13
C GLU A 373 -13.13 -26.57 21.93
N LEU A 374 -11.92 -27.08 22.10
CA LEU A 374 -10.93 -27.11 21.03
C LEU A 374 -10.42 -28.53 20.89
N CYS A 375 -10.66 -29.12 19.72
CA CYS A 375 -10.21 -30.50 19.47
C CYS A 375 -9.08 -30.56 18.45
N LEU A 376 -8.29 -31.62 18.55
CA LEU A 376 -7.18 -31.87 17.65
C LEU A 376 -7.47 -33.14 16.90
N ASP A 377 -7.39 -33.08 15.58
CA ASP A 377 -7.65 -34.25 14.75
C ASP A 377 -6.36 -34.61 14.04
N ILE A 378 -5.89 -35.84 14.25
CA ILE A 378 -4.68 -36.31 13.59
C ILE A 378 -5.11 -37.27 12.48
N THR A 379 -5.05 -36.81 11.24
CA THR A 379 -5.46 -37.62 10.09
C THR A 379 -4.30 -37.93 9.14
N ALA A 380 -4.22 -39.18 8.71
CA ALA A 380 -3.17 -39.60 7.79
C ALA A 380 -3.75 -40.42 6.67
N ASP A 381 -3.13 -40.32 5.50
CA ASP A 381 -3.52 -41.10 4.34
C ASP A 381 -2.50 -42.24 4.29
N LEU A 382 -2.91 -43.42 4.69
CA LEU A 382 -1.98 -44.55 4.71
C LEU A 382 -1.32 -44.89 3.38
N ALA A 383 -1.88 -44.38 2.29
CA ALA A 383 -1.32 -44.63 0.96
C ALA A 383 -0.18 -43.67 0.64
N SER A 384 0.05 -42.68 1.50
CA SER A 384 1.12 -41.72 1.27
C SER A 384 1.77 -41.28 2.58
N TYR A 385 1.55 -42.05 3.65
CA TYR A 385 2.12 -41.71 4.94
C TYR A 385 2.11 -42.97 5.79
N PRO A 386 3.26 -43.34 6.36
CA PRO A 386 3.38 -44.54 7.19
C PRO A 386 2.45 -44.61 8.40
N GLN A 387 1.68 -45.69 8.47
CA GLN A 387 0.74 -45.87 9.56
C GLN A 387 1.34 -45.82 10.95
N SER A 388 2.52 -46.40 11.13
CA SER A 388 3.13 -46.41 12.46
C SER A 388 3.42 -45.01 12.95
N HIS A 389 3.97 -44.16 12.10
CA HIS A 389 4.27 -42.78 12.49
C HIS A 389 2.96 -42.13 12.90
N TRP A 390 1.90 -42.36 12.13
CA TRP A 390 0.61 -41.80 12.47
C TRP A 390 0.25 -42.28 13.88
N GLN A 391 0.46 -43.57 14.15
CA GLN A 391 0.16 -44.15 15.47
C GLN A 391 0.89 -43.32 16.52
N SER A 392 2.19 -43.20 16.34
CA SER A 392 3.05 -42.46 17.24
C SER A 392 2.54 -41.04 17.52
N HIS A 393 2.15 -40.32 16.47
CA HIS A 393 1.67 -38.95 16.63
C HIS A 393 0.41 -38.92 17.49
N CYS A 394 -0.49 -39.88 17.27
CA CYS A 394 -1.71 -39.89 18.06
C CYS A 394 -1.48 -40.09 19.54
N GLU A 395 -0.31 -40.60 19.91
CA GLU A 395 -0.03 -40.80 21.33
C GLU A 395 0.87 -39.67 21.84
N ARG A 396 1.81 -39.23 21.01
CA ARG A 396 2.74 -38.18 21.42
C ARG A 396 2.19 -36.74 21.40
N PHE A 397 1.44 -36.36 20.37
CA PHE A 397 0.95 -34.99 20.33
C PHE A 397 0.11 -34.66 21.57
N PRO A 398 -0.92 -35.47 21.87
CA PRO A 398 -1.74 -35.18 23.06
C PRO A 398 -0.91 -35.05 24.33
N ARG A 399 0.08 -35.92 24.47
CA ARG A 399 0.95 -35.91 25.64
C ARG A 399 1.68 -34.56 25.67
N PHE A 400 2.12 -34.12 24.48
CA PHE A 400 2.82 -32.84 24.35
C PHE A 400 2.05 -31.73 25.05
N PHE A 401 0.74 -31.72 24.88
CA PHE A 401 -0.09 -30.69 25.50
C PHE A 401 -0.24 -30.94 26.99
N GLU A 402 -0.24 -32.21 27.38
CA GLU A 402 -0.35 -32.56 28.80
C GLU A 402 0.87 -32.04 29.55
N GLN A 403 2.03 -32.14 28.91
CA GLN A 403 3.29 -31.65 29.49
C GLN A 403 3.28 -30.15 29.66
N LEU A 404 3.12 -29.44 28.55
CA LEU A 404 3.09 -27.99 28.55
C LEU A 404 2.23 -27.50 29.70
N LEU A 405 1.05 -28.09 29.86
CA LEU A 405 0.17 -27.66 30.94
C LEU A 405 0.81 -27.94 32.31
N ALA A 406 1.62 -28.99 32.36
CA ALA A 406 2.32 -29.39 33.58
C ALA A 406 3.46 -28.44 33.89
N ARG A 407 4.43 -28.34 32.97
CA ARG A 407 5.57 -27.45 33.15
C ARG A 407 5.05 -26.10 33.67
N PHE A 408 3.78 -25.82 33.35
CA PHE A 408 3.11 -24.59 33.78
C PHE A 408 2.74 -24.72 35.26
N GLN A 409 2.08 -25.82 35.60
CA GLN A 409 1.67 -26.10 36.97
C GLN A 409 2.89 -25.97 37.87
N GLN A 410 3.90 -26.80 37.60
CA GLN A 410 5.13 -26.82 38.38
C GLN A 410 5.94 -25.52 38.25
N VAL A 411 5.23 -24.42 38.04
CA VAL A 411 5.84 -23.09 37.94
C VAL A 411 4.79 -22.07 38.34
N GLU A 412 3.81 -22.55 39.12
CA GLU A 412 2.72 -21.73 39.62
C GLU A 412 2.13 -20.81 38.56
N GLN A 413 1.57 -21.43 37.53
CA GLN A 413 0.91 -20.75 36.43
C GLN A 413 1.36 -19.30 36.19
N ASP A 414 2.68 -19.11 36.12
CA ASP A 414 3.25 -17.79 35.88
C ASP A 414 3.68 -17.68 34.42
N VAL A 415 2.77 -17.17 33.58
CA VAL A 415 3.03 -17.02 32.15
C VAL A 415 4.47 -16.63 31.82
N ALA A 416 5.01 -15.63 32.51
CA ALA A 416 6.36 -15.17 32.25
C ALA A 416 7.43 -16.19 32.61
N ARG A 417 7.17 -16.95 33.67
CA ARG A 417 8.12 -17.97 34.10
C ARG A 417 8.18 -19.12 33.08
N LEU A 418 7.01 -19.56 32.61
CA LEU A 418 6.93 -20.65 31.64
C LEU A 418 7.59 -20.24 30.32
N LEU A 419 7.37 -19.01 29.89
CA LEU A 419 7.97 -18.52 28.65
C LEU A 419 9.46 -18.38 28.88
N ALA A 420 9.83 -18.34 30.15
CA ALA A 420 11.22 -18.22 30.57
C ALA A 420 12.01 -19.50 30.33
N GLU A 421 11.41 -20.65 30.60
CA GLU A 421 12.10 -21.93 30.41
C GLU A 421 12.53 -22.09 28.96
N PRO A 422 13.51 -22.97 28.70
CA PRO A 422 14.02 -23.22 27.35
C PRO A 422 12.94 -23.85 26.46
N ALA A 423 13.01 -23.62 25.15
CA ALA A 423 12.03 -24.16 24.22
C ALA A 423 11.94 -25.69 24.32
N ALA A 424 13.10 -26.33 24.33
CA ALA A 424 13.20 -27.78 24.44
C ALA A 424 12.65 -28.32 25.76
N MET B 1 15.04 21.36 -12.72
CA MET B 1 15.10 20.41 -13.86
C MET B 1 15.45 18.99 -13.39
N LEU B 2 14.81 17.98 -14.00
CA LEU B 2 15.11 16.60 -13.66
C LEU B 2 16.34 16.14 -14.42
N LEU B 3 16.98 15.10 -13.93
CA LEU B 3 18.17 14.61 -14.60
C LEU B 3 17.87 14.21 -16.03
N ALA B 4 16.75 13.55 -16.24
CA ALA B 4 16.38 13.12 -17.58
C ALA B 4 16.16 14.30 -18.51
N GLN B 5 15.97 15.48 -17.95
CA GLN B 5 15.74 16.67 -18.75
C GLN B 5 17.00 17.38 -19.17
N LYS B 6 18.01 17.33 -18.31
CA LYS B 6 19.29 17.97 -18.55
C LYS B 6 19.92 17.72 -19.93
N PRO B 7 19.97 16.47 -20.39
CA PRO B 7 20.58 16.36 -21.71
C PRO B 7 19.85 17.13 -22.80
N PHE B 8 18.53 17.23 -22.69
CA PHE B 8 17.82 17.96 -23.74
C PHE B 8 18.22 19.43 -23.61
N TRP B 9 18.32 19.91 -22.37
CA TRP B 9 18.68 21.31 -22.14
C TRP B 9 20.03 21.59 -22.78
N GLN B 10 20.98 20.70 -22.53
CA GLN B 10 22.32 20.80 -23.09
C GLN B 10 22.26 20.87 -24.61
N ARG B 11 21.58 19.92 -25.23
CA ARG B 11 21.50 19.93 -26.68
C ARG B 11 21.03 21.29 -27.17
N HIS B 12 20.04 21.88 -26.52
CA HIS B 12 19.56 23.18 -26.95
C HIS B 12 20.64 24.27 -26.88
N LEU B 13 21.41 24.29 -25.78
CA LEU B 13 22.47 25.29 -25.62
C LEU B 13 23.56 25.12 -26.65
N ALA B 14 23.89 23.87 -26.95
CA ALA B 14 24.93 23.56 -27.91
C ALA B 14 24.56 23.86 -29.36
N TYR B 15 23.27 24.02 -29.64
CA TYR B 15 22.80 24.33 -30.99
C TYR B 15 21.51 25.13 -30.91
N PRO B 16 21.56 26.33 -30.33
CA PRO B 16 20.43 27.25 -30.13
C PRO B 16 19.48 27.44 -31.31
N HIS B 17 20.03 27.51 -32.52
CA HIS B 17 19.19 27.70 -33.69
C HIS B 17 18.18 26.55 -33.90
N ILE B 18 18.69 25.39 -34.29
CA ILE B 18 17.88 24.20 -34.56
C ILE B 18 17.01 23.61 -33.44
N ASN B 19 15.79 23.21 -33.80
CA ASN B 19 14.87 22.58 -32.87
C ASN B 19 15.00 21.08 -33.11
N LEU B 20 16.05 20.51 -32.52
CA LEU B 20 16.38 19.08 -32.62
C LEU B 20 15.49 18.05 -31.94
N ASP B 21 14.91 18.39 -30.80
CA ASP B 21 14.08 17.44 -30.09
C ASP B 21 12.63 17.88 -29.97
N THR B 22 11.82 17.42 -30.89
CA THR B 22 10.42 17.76 -30.92
C THR B 22 9.60 16.51 -31.16
N VAL B 23 8.44 16.46 -30.53
CA VAL B 23 7.50 15.37 -30.69
C VAL B 23 6.24 16.05 -31.18
N ALA B 24 5.75 15.61 -32.33
CA ALA B 24 4.56 16.22 -32.88
C ALA B 24 3.75 15.26 -33.70
N HIS B 25 2.48 15.10 -33.34
CA HIS B 25 1.59 14.22 -34.08
C HIS B 25 0.48 15.03 -34.74
N SER B 26 -0.15 14.44 -35.74
CA SER B 26 -1.28 15.05 -36.40
C SER B 26 -2.30 13.92 -36.32
N LEU B 27 -3.58 14.25 -36.14
CA LEU B 27 -4.61 13.22 -36.06
C LEU B 27 -5.67 13.67 -37.03
N ARG B 28 -5.92 12.86 -38.04
CA ARG B 28 -6.94 13.21 -39.01
C ARG B 28 -8.20 12.42 -38.67
N LEU B 29 -9.27 13.16 -38.38
CA LEU B 29 -10.53 12.56 -38.01
C LEU B 29 -11.55 12.67 -39.14
N THR B 30 -11.95 11.52 -39.66
CA THR B 30 -12.92 11.50 -40.75
C THR B 30 -14.24 10.92 -40.22
N GLY B 31 -15.29 11.74 -40.36
CA GLY B 31 -16.60 11.36 -39.85
C GLY B 31 -17.44 12.57 -39.42
N PRO B 32 -18.59 12.35 -38.74
CA PRO B 32 -19.47 13.43 -38.27
C PRO B 32 -19.13 13.90 -36.84
N LEU B 33 -17.88 14.24 -36.65
CA LEU B 33 -17.38 14.72 -35.37
C LEU B 33 -18.12 15.97 -34.91
N ASP B 34 -18.32 16.11 -33.61
CA ASP B 34 -18.95 17.31 -33.08
C ASP B 34 -17.78 18.29 -32.85
N THR B 35 -17.54 19.20 -33.80
CA THR B 35 -16.44 20.14 -33.69
C THR B 35 -16.35 20.78 -32.30
N THR B 36 -17.40 21.48 -31.89
CA THR B 36 -17.41 22.13 -30.59
C THR B 36 -17.02 21.24 -29.42
N LEU B 37 -17.60 20.04 -29.34
CA LEU B 37 -17.26 19.16 -28.23
C LEU B 37 -15.81 18.69 -28.30
N LEU B 38 -15.27 18.66 -29.51
CA LEU B 38 -13.90 18.22 -29.69
C LEU B 38 -13.02 19.31 -29.11
N LEU B 39 -13.30 20.55 -29.50
CA LEU B 39 -12.55 21.68 -29.02
C LEU B 39 -12.61 21.78 -27.49
N ARG B 40 -13.75 21.43 -26.91
CA ARG B 40 -13.86 21.50 -25.45
C ARG B 40 -12.99 20.41 -24.87
N ALA B 41 -13.07 19.22 -25.45
CA ALA B 41 -12.28 18.06 -25.02
C ALA B 41 -10.78 18.37 -25.09
N LEU B 42 -10.35 18.96 -26.19
CA LEU B 42 -8.95 19.30 -26.31
C LEU B 42 -8.59 20.30 -25.21
N HIS B 43 -9.46 21.28 -25.01
CA HIS B 43 -9.24 22.31 -23.99
C HIS B 43 -9.09 21.69 -22.61
N LEU B 44 -10.01 20.79 -22.28
CA LEU B 44 -9.96 20.13 -20.99
C LEU B 44 -8.70 19.31 -20.80
N THR B 45 -8.30 18.61 -21.86
CA THR B 45 -7.13 17.76 -21.81
C THR B 45 -5.83 18.51 -21.55
N VAL B 46 -5.54 19.55 -22.34
CA VAL B 46 -4.32 20.31 -22.14
C VAL B 46 -4.30 20.94 -20.76
N SER B 47 -5.47 21.22 -20.20
CA SER B 47 -5.51 21.85 -18.89
C SER B 47 -5.20 20.92 -17.76
N GLU B 48 -5.20 19.62 -18.03
CA GLU B 48 -4.88 18.67 -16.99
C GLU B 48 -3.37 18.41 -16.95
N ILE B 49 -2.64 18.82 -17.99
CA ILE B 49 -1.21 18.56 -18.07
C ILE B 49 -0.33 19.70 -17.60
N ASP B 50 -0.05 19.72 -16.31
CA ASP B 50 0.78 20.75 -15.73
C ASP B 50 2.05 21.03 -16.53
N LEU B 51 2.75 19.97 -16.95
CA LEU B 51 4.00 20.14 -17.68
C LEU B 51 3.93 20.95 -18.97
N PHE B 52 2.76 21.09 -19.59
CA PHE B 52 2.67 21.89 -20.80
C PHE B 52 2.76 23.41 -20.45
N ARG B 53 2.78 23.74 -19.17
CA ARG B 53 2.89 25.13 -18.75
C ARG B 53 4.33 25.42 -18.35
N ALA B 54 5.19 24.43 -18.46
CA ALA B 54 6.60 24.65 -18.11
C ALA B 54 7.28 25.57 -19.11
N ARG B 55 8.17 26.40 -18.59
CA ARG B 55 8.94 27.31 -19.41
C ARG B 55 10.34 27.32 -18.80
N PHE B 56 11.34 27.52 -19.65
CA PHE B 56 12.72 27.55 -19.16
C PHE B 56 13.41 28.92 -19.30
N SER B 57 14.01 29.37 -18.20
CA SER B 57 14.75 30.64 -18.17
C SER B 57 16.05 30.54 -18.97
N ALA B 58 16.80 31.63 -18.99
CA ALA B 58 18.05 31.65 -19.72
C ALA B 58 19.05 30.75 -19.01
N GLN B 59 18.98 30.74 -17.67
CA GLN B 59 19.90 29.90 -16.91
C GLN B 59 19.33 28.49 -16.74
N GLY B 60 18.36 28.14 -17.58
CA GLY B 60 17.81 26.79 -17.51
C GLY B 60 16.97 26.46 -16.29
N GLU B 61 16.41 27.47 -15.65
CA GLU B 61 15.54 27.22 -14.50
C GLU B 61 14.15 26.97 -15.07
N LEU B 62 13.51 25.90 -14.62
CA LEU B 62 12.18 25.58 -15.11
C LEU B 62 11.18 26.32 -14.24
N TYR B 63 10.31 27.11 -14.85
CA TYR B 63 9.28 27.84 -14.11
C TYR B 63 7.90 27.59 -14.76
N TRP B 64 6.83 28.03 -14.10
CA TRP B 64 5.51 27.76 -14.62
C TRP B 64 4.70 28.92 -15.17
N HIS B 65 4.10 28.71 -16.34
CA HIS B 65 3.28 29.74 -16.91
C HIS B 65 1.97 29.59 -16.13
N PRO B 66 1.27 30.70 -15.87
CA PRO B 66 0.02 30.59 -15.13
C PRO B 66 -1.18 30.09 -15.91
N PHE B 67 -1.10 30.17 -17.24
CA PHE B 67 -2.23 29.77 -18.10
C PHE B 67 -2.06 28.44 -18.87
N SER B 68 -3.16 27.75 -19.12
CA SER B 68 -3.09 26.52 -19.90
C SER B 68 -2.70 26.92 -21.33
N PRO B 69 -2.13 26.00 -22.10
CA PRO B 69 -1.75 26.41 -23.45
C PRO B 69 -2.99 26.74 -24.28
N PRO B 70 -2.88 27.70 -25.20
CA PRO B 70 -4.01 28.08 -26.05
C PRO B 70 -4.31 26.98 -27.06
N ILE B 71 -5.53 26.96 -27.57
CA ILE B 71 -5.91 26.01 -28.59
C ILE B 71 -6.31 26.90 -29.74
N ASP B 72 -5.60 26.82 -30.86
CA ASP B 72 -5.92 27.64 -32.02
C ASP B 72 -6.80 26.85 -32.97
N TYR B 73 -8.04 27.33 -33.14
CA TYR B 73 -9.01 26.69 -34.01
C TYR B 73 -9.36 27.55 -35.22
N GLN B 74 -9.45 26.91 -36.38
CA GLN B 74 -9.84 27.63 -37.58
C GLN B 74 -10.77 26.73 -38.38
N ASP B 75 -11.89 27.31 -38.80
CA ASP B 75 -12.89 26.62 -39.61
C ASP B 75 -12.50 26.94 -41.05
N LEU B 76 -11.94 25.96 -41.76
CA LEU B 76 -11.52 26.24 -43.12
C LEU B 76 -12.51 25.74 -44.16
N SER B 77 -13.69 25.32 -43.68
CA SER B 77 -14.76 24.81 -44.52
C SER B 77 -15.13 25.74 -45.68
N ILE B 78 -15.23 27.04 -45.40
CA ILE B 78 -15.61 27.99 -46.43
C ILE B 78 -14.47 28.34 -47.38
N HIS B 79 -13.24 28.11 -46.94
CA HIS B 79 -12.06 28.41 -47.75
C HIS B 79 -11.79 27.31 -48.78
N LEU B 80 -11.23 27.72 -49.91
CA LEU B 80 -10.90 26.79 -51.00
C LEU B 80 -9.54 26.13 -50.79
N GLU B 81 -8.56 26.95 -50.41
CA GLU B 81 -7.20 26.49 -50.13
C GLU B 81 -7.24 25.93 -48.71
N ALA B 82 -8.03 24.88 -48.52
CA ALA B 82 -8.22 24.26 -47.22
C ALA B 82 -7.00 23.61 -46.59
N GLU B 83 -6.80 22.35 -46.96
CA GLU B 83 -5.70 21.56 -46.44
C GLU B 83 -4.36 22.31 -46.51
N PRO B 84 -4.05 22.93 -47.65
CA PRO B 84 -2.79 23.66 -47.79
C PRO B 84 -2.65 24.71 -46.72
N LEU B 85 -3.75 25.37 -46.39
CA LEU B 85 -3.74 26.41 -45.38
C LEU B 85 -3.44 25.77 -44.02
N ALA B 86 -4.00 24.59 -43.77
CA ALA B 86 -3.76 23.90 -42.51
C ALA B 86 -2.29 23.52 -42.39
N TRP B 87 -1.84 22.64 -43.27
CA TRP B 87 -0.44 22.18 -43.27
C TRP B 87 0.60 23.29 -43.29
N ARG B 88 0.30 24.38 -43.98
CA ARG B 88 1.23 25.52 -44.05
C ARG B 88 1.46 26.09 -42.65
N GLN B 89 0.43 26.09 -41.82
CA GLN B 89 0.56 26.61 -40.48
C GLN B 89 1.19 25.56 -39.59
N ILE B 90 1.01 24.31 -39.95
CA ILE B 90 1.60 23.22 -39.18
C ILE B 90 3.12 23.25 -39.38
N GLU B 91 3.53 23.23 -40.65
CA GLU B 91 4.92 23.28 -41.03
C GLU B 91 5.58 24.49 -40.42
N GLN B 92 4.84 25.59 -40.37
CA GLN B 92 5.38 26.81 -39.79
C GLN B 92 5.78 26.59 -38.33
N ASP B 93 4.99 25.80 -37.60
CA ASP B 93 5.30 25.54 -36.20
C ASP B 93 6.46 24.56 -36.05
N LEU B 94 6.46 23.51 -36.89
CA LEU B 94 7.55 22.55 -36.86
C LEU B 94 8.81 23.34 -37.19
N GLN B 95 8.63 24.40 -37.97
CA GLN B 95 9.72 25.27 -38.37
C GLN B 95 9.80 26.52 -37.52
N ARG B 96 9.34 26.42 -36.28
CA ARG B 96 9.38 27.56 -35.37
C ARG B 96 10.84 27.73 -34.94
N SER B 97 11.14 28.84 -34.29
CA SER B 97 12.48 29.08 -33.77
C SER B 97 12.41 28.46 -32.36
N SER B 98 11.47 28.98 -31.59
CA SER B 98 11.17 28.56 -30.21
C SER B 98 12.37 28.19 -29.37
N THR B 99 13.33 29.10 -29.29
CA THR B 99 14.49 28.85 -28.46
C THR B 99 13.91 28.52 -27.09
N LEU B 100 13.85 27.23 -26.76
CA LEU B 100 13.30 26.78 -25.48
C LEU B 100 13.04 27.87 -24.47
N ILE B 101 13.97 28.81 -24.37
CA ILE B 101 13.86 29.89 -23.41
C ILE B 101 12.62 30.78 -23.51
N ASP B 102 11.91 30.90 -22.40
CA ASP B 102 10.72 31.72 -22.31
C ASP B 102 9.73 31.61 -23.48
N ALA B 103 9.36 30.40 -23.84
CA ALA B 103 8.42 30.21 -24.94
C ALA B 103 7.42 29.08 -24.68
N PRO B 104 6.23 29.19 -25.25
CA PRO B 104 5.27 28.10 -25.00
C PRO B 104 5.99 26.83 -25.45
N ILE B 105 6.08 25.85 -24.56
CA ILE B 105 6.75 24.62 -24.88
C ILE B 105 5.95 23.69 -25.78
N THR B 106 4.67 23.96 -25.97
CA THR B 106 3.83 23.12 -26.85
C THR B 106 2.98 23.97 -27.78
N SER B 107 2.26 23.31 -28.68
CA SER B 107 1.39 24.00 -29.60
C SER B 107 0.18 23.08 -29.90
N HIS B 108 -0.99 23.69 -30.03
CA HIS B 108 -2.20 22.91 -30.30
C HIS B 108 -3.01 23.62 -31.34
N GLN B 109 -3.19 22.97 -32.48
CA GLN B 109 -3.92 23.55 -33.59
C GLN B 109 -5.00 22.60 -34.04
N VAL B 110 -6.19 23.14 -34.28
CA VAL B 110 -7.29 22.31 -34.73
C VAL B 110 -7.91 22.91 -35.98
N TYR B 111 -8.16 22.05 -36.96
CA TYR B 111 -8.73 22.50 -38.21
C TYR B 111 -9.92 21.70 -38.68
N ARG B 112 -10.98 22.42 -39.01
CA ARG B 112 -12.18 21.81 -39.53
C ARG B 112 -11.98 22.06 -41.02
N LEU B 113 -11.86 20.98 -41.78
CA LEU B 113 -11.64 21.10 -43.21
C LEU B 113 -13.01 21.14 -43.89
N SER B 114 -13.87 20.20 -43.52
CA SER B 114 -15.23 20.14 -44.01
C SER B 114 -16.01 19.68 -42.77
N HIS B 115 -17.32 19.56 -42.87
CA HIS B 115 -18.11 19.09 -41.73
C HIS B 115 -17.72 17.67 -41.35
N SER B 116 -17.08 16.96 -42.29
CA SER B 116 -16.67 15.57 -42.10
C SER B 116 -15.16 15.38 -41.85
N GLU B 117 -14.38 16.42 -42.12
CA GLU B 117 -12.94 16.33 -41.96
C GLU B 117 -12.36 17.30 -40.94
N HIS B 118 -11.64 16.73 -39.96
CA HIS B 118 -10.96 17.51 -38.94
C HIS B 118 -9.50 17.11 -38.80
N LEU B 119 -8.64 18.09 -38.54
CA LEU B 119 -7.21 17.84 -38.37
C LEU B 119 -6.72 18.43 -37.08
N ILE B 120 -6.13 17.58 -36.24
CA ILE B 120 -5.61 18.02 -34.95
C ILE B 120 -4.09 17.93 -34.96
N TYR B 121 -3.45 19.01 -34.55
CA TYR B 121 -1.99 19.09 -34.50
C TYR B 121 -1.56 19.29 -33.07
N THR B 122 -0.64 18.47 -32.60
CA THR B 122 -0.12 18.56 -31.25
C THR B 122 1.42 18.49 -31.26
N ARG B 123 2.08 19.51 -30.74
CA ARG B 123 3.54 19.53 -30.66
C ARG B 123 4.01 19.88 -29.26
N ALA B 124 5.09 19.21 -28.86
CA ALA B 124 5.70 19.43 -27.57
C ALA B 124 7.16 19.11 -27.74
N HIS B 125 7.99 19.74 -26.93
CA HIS B 125 9.42 19.50 -27.01
C HIS B 125 9.68 18.23 -26.18
N HIS B 126 10.55 17.37 -26.68
CA HIS B 126 10.84 16.14 -25.97
C HIS B 126 11.19 16.36 -24.50
N ILE B 127 11.61 17.56 -24.13
CA ILE B 127 11.99 17.82 -22.74
C ILE B 127 10.82 17.81 -21.74
N VAL B 128 9.58 17.79 -22.24
CA VAL B 128 8.42 17.74 -21.35
C VAL B 128 7.45 16.63 -21.73
N LEU B 129 7.76 15.88 -22.77
CA LEU B 129 6.86 14.81 -23.18
C LEU B 129 7.56 13.73 -23.99
N ASP B 130 7.35 12.47 -23.63
CA ASP B 130 7.90 11.36 -24.40
C ASP B 130 6.75 10.63 -25.11
N GLY B 131 7.06 9.48 -25.72
CA GLY B 131 6.07 8.74 -26.47
C GLY B 131 4.86 8.31 -25.69
N TYR B 132 5.11 7.74 -24.52
CA TYR B 132 4.02 7.30 -23.67
C TYR B 132 3.22 8.58 -23.41
N GLY B 133 3.92 9.61 -22.92
CA GLY B 133 3.27 10.87 -22.62
C GLY B 133 2.33 11.29 -23.72
N MET B 134 2.81 11.26 -24.95
CA MET B 134 1.96 11.67 -26.06
C MET B 134 0.71 10.76 -26.14
N MET B 135 0.90 9.47 -25.91
CA MET B 135 -0.21 8.51 -25.95
C MET B 135 -1.25 8.86 -24.87
N LEU B 136 -0.79 9.05 -23.64
CA LEU B 136 -1.71 9.44 -22.57
C LEU B 136 -2.51 10.66 -23.01
N PHE B 137 -1.83 11.66 -23.55
CA PHE B 137 -2.52 12.85 -23.99
C PHE B 137 -3.63 12.45 -24.94
N GLU B 138 -3.28 11.68 -25.97
CA GLU B 138 -4.28 11.26 -26.95
C GLU B 138 -5.47 10.50 -26.35
N GLN B 139 -5.21 9.56 -25.46
CA GLN B 139 -6.28 8.79 -24.84
C GLN B 139 -7.20 9.69 -23.99
N ARG B 140 -6.60 10.61 -23.24
CA ARG B 140 -7.40 11.50 -22.41
C ARG B 140 -8.33 12.38 -23.25
N LEU B 141 -7.89 12.72 -24.45
CA LEU B 141 -8.66 13.55 -25.38
C LEU B 141 -9.87 12.78 -25.88
N SER B 142 -9.73 11.47 -26.04
CA SER B 142 -10.87 10.69 -26.53
C SER B 142 -11.82 10.43 -25.37
N GLN B 143 -11.28 10.26 -24.18
CA GLN B 143 -12.11 10.05 -23.01
C GLN B 143 -13.03 11.26 -22.87
N HIS B 144 -12.44 12.47 -22.83
CA HIS B 144 -13.22 13.70 -22.68
C HIS B 144 -14.26 13.87 -23.76
N TYR B 145 -13.85 13.70 -25.01
CA TYR B 145 -14.81 13.83 -26.10
C TYR B 145 -15.99 12.90 -25.82
N GLN B 146 -15.71 11.59 -25.75
CA GLN B 146 -16.75 10.60 -25.51
C GLN B 146 -17.64 11.02 -24.35
N SER B 147 -17.02 11.51 -23.27
CA SER B 147 -17.77 11.94 -22.11
C SER B 147 -18.73 13.08 -22.46
N LEU B 148 -18.28 14.04 -23.25
CA LEU B 148 -19.15 15.13 -23.61
C LEU B 148 -20.23 14.72 -24.58
N LEU B 149 -19.91 13.78 -25.47
CA LEU B 149 -20.87 13.29 -26.47
C LEU B 149 -22.00 12.59 -25.75
N SER B 150 -21.65 11.70 -24.84
CA SER B 150 -22.65 11.02 -24.02
C SER B 150 -22.81 12.07 -22.92
N GLY B 151 -23.90 12.05 -22.15
CA GLY B 151 -24.03 13.07 -21.12
C GLY B 151 -23.22 12.78 -19.88
N GLN B 152 -22.32 11.80 -19.97
CA GLN B 152 -21.52 11.40 -18.82
C GLN B 152 -20.47 12.38 -18.31
N THR B 153 -20.27 12.37 -16.99
CA THR B 153 -19.26 13.21 -16.39
C THR B 153 -17.93 12.46 -16.56
N PRO B 154 -16.87 13.19 -16.92
CA PRO B 154 -15.53 12.65 -17.16
C PRO B 154 -14.90 11.88 -16.00
N THR B 155 -13.96 11.01 -16.33
CA THR B 155 -13.27 10.25 -15.30
C THR B 155 -12.26 11.17 -14.64
N ALA B 156 -11.43 10.62 -13.75
CA ALA B 156 -10.43 11.42 -13.04
C ALA B 156 -9.42 12.10 -13.97
N ALA B 157 -8.97 13.28 -13.57
CA ALA B 157 -8.01 14.06 -14.35
C ALA B 157 -6.60 13.53 -14.07
N PHE B 158 -5.66 13.82 -14.95
CA PHE B 158 -4.29 13.38 -14.72
C PHE B 158 -3.92 13.96 -13.39
N LYS B 159 -3.08 13.27 -12.63
CA LYS B 159 -2.63 13.78 -11.36
C LYS B 159 -1.70 14.97 -11.64
N PRO B 160 -1.51 15.87 -10.66
CA PRO B 160 -0.63 17.02 -10.86
C PRO B 160 0.84 16.64 -10.94
N TYR B 161 1.59 17.34 -11.80
CA TYR B 161 3.01 17.04 -11.98
C TYR B 161 3.82 17.09 -10.68
N GLN B 162 3.48 18.02 -9.78
CA GLN B 162 4.24 18.09 -8.53
C GLN B 162 4.15 16.74 -7.81
N SER B 163 3.09 15.99 -8.07
CA SER B 163 2.91 14.68 -7.43
C SER B 163 4.08 13.79 -7.81
N TYR B 164 4.37 13.79 -9.11
CA TYR B 164 5.46 12.99 -9.64
C TYR B 164 6.81 13.45 -9.10
N LEU B 165 7.05 14.76 -9.08
CA LEU B 165 8.32 15.26 -8.58
C LEU B 165 8.50 14.81 -7.14
N GLU B 166 7.41 14.87 -6.39
CA GLU B 166 7.46 14.48 -4.99
C GLU B 166 7.79 13.00 -4.86
N GLU B 167 7.25 12.18 -5.76
CA GLU B 167 7.51 10.75 -5.74
C GLU B 167 8.96 10.47 -6.12
N GLU B 168 9.46 11.17 -7.14
CA GLU B 168 10.82 10.96 -7.61
C GLU B 168 11.86 11.31 -6.57
N ALA B 169 11.64 12.43 -5.87
CA ALA B 169 12.58 12.86 -4.83
C ALA B 169 12.63 11.79 -3.74
N ALA B 170 11.47 11.23 -3.41
CA ALA B 170 11.36 10.19 -2.38
C ALA B 170 12.19 8.98 -2.78
N TYR B 171 12.11 8.64 -4.05
CA TYR B 171 12.85 7.51 -4.60
C TYR B 171 14.35 7.78 -4.54
N LEU B 172 14.77 8.98 -4.91
CA LEU B 172 16.18 9.33 -4.88
C LEU B 172 16.81 9.20 -3.50
N THR B 173 16.05 9.52 -2.47
CA THR B 173 16.54 9.46 -1.09
C THR B 173 16.27 8.09 -0.49
N SER B 174 15.78 7.16 -1.31
CA SER B 174 15.46 5.82 -0.80
C SER B 174 16.60 4.80 -0.94
N HIS B 175 16.41 3.66 -0.29
CA HIS B 175 17.38 2.57 -0.33
C HIS B 175 17.25 1.89 -1.68
N ARG B 176 16.04 1.93 -2.23
CA ARG B 176 15.78 1.32 -3.54
C ARG B 176 16.74 2.00 -4.53
N TYR B 177 17.04 3.27 -4.30
CA TYR B 177 17.94 4.01 -5.16
C TYR B 177 19.32 3.37 -5.15
N TRP B 178 19.79 3.08 -3.94
CA TRP B 178 21.10 2.46 -3.75
C TRP B 178 21.16 1.06 -4.37
N GLN B 179 20.10 0.27 -4.22
CA GLN B 179 20.06 -1.07 -4.80
C GLN B 179 20.24 -0.96 -6.31
N ASP B 180 19.45 -0.10 -6.93
CA ASP B 180 19.52 0.07 -8.38
C ASP B 180 20.93 0.45 -8.79
N LYS B 181 21.58 1.33 -8.02
CA LYS B 181 22.94 1.71 -8.35
C LYS B 181 23.81 0.46 -8.34
N GLN B 182 23.66 -0.33 -7.29
CA GLN B 182 24.44 -1.56 -7.17
C GLN B 182 24.21 -2.45 -8.39
N PHE B 183 22.95 -2.75 -8.68
CA PHE B 183 22.64 -3.61 -9.82
C PHE B 183 23.33 -3.15 -11.11
N TRP B 184 23.18 -1.88 -11.45
CA TRP B 184 23.79 -1.37 -12.67
C TRP B 184 25.31 -1.48 -12.63
N GLN B 185 25.90 -1.19 -11.48
CA GLN B 185 27.35 -1.27 -11.35
C GLN B 185 27.86 -2.67 -11.74
N GLY B 186 27.40 -3.69 -11.02
CA GLY B 186 27.82 -5.05 -11.31
C GLY B 186 27.46 -5.55 -12.69
N TYR B 187 26.21 -5.32 -13.11
CA TYR B 187 25.75 -5.77 -14.42
C TYR B 187 26.65 -5.26 -15.55
N LEU B 188 27.33 -4.14 -15.33
CA LEU B 188 28.22 -3.57 -16.31
C LEU B 188 29.66 -4.05 -16.17
N ARG B 189 30.09 -4.25 -14.92
CA ARG B 189 31.44 -4.73 -14.61
C ARG B 189 31.66 -6.11 -15.20
N GLU B 190 30.68 -6.98 -15.05
CA GLU B 190 30.74 -8.34 -15.57
C GLU B 190 30.17 -8.36 -16.99
N ALA B 191 30.75 -7.55 -17.89
CA ALA B 191 30.28 -7.50 -19.28
C ALA B 191 31.13 -6.60 -20.15
N PRO B 192 30.99 -6.72 -21.48
CA PRO B 192 31.75 -5.92 -22.45
C PRO B 192 31.49 -4.42 -22.27
N ASP B 193 32.44 -3.62 -22.71
CA ASP B 193 32.32 -2.18 -22.62
C ASP B 193 31.17 -1.65 -23.46
N LEU B 194 30.54 -0.59 -22.97
CA LEU B 194 29.46 0.05 -23.72
C LEU B 194 30.18 0.99 -24.68
N THR B 195 29.59 1.23 -25.85
CA THR B 195 30.18 2.11 -26.83
C THR B 195 29.86 3.57 -26.49
N LEU B 196 30.89 4.40 -26.41
CA LEU B 196 30.68 5.81 -26.11
C LEU B 196 30.27 6.56 -27.36
N THR B 197 29.79 7.79 -27.19
CA THR B 197 29.36 8.57 -28.35
C THR B 197 30.60 9.13 -29.01
N SER B 198 30.67 9.00 -30.33
CA SER B 198 31.81 9.52 -31.08
C SER B 198 32.00 10.98 -30.71
N ALA B 199 33.25 11.39 -30.53
CA ALA B 199 33.53 12.78 -30.18
C ALA B 199 33.30 13.71 -31.38
N THR B 200 33.38 13.15 -32.59
CA THR B 200 33.19 13.93 -33.80
C THR B 200 31.74 13.90 -34.30
N TYR B 201 30.81 13.50 -33.44
CA TYR B 201 29.40 13.42 -33.82
C TYR B 201 28.67 14.75 -33.67
N ASP B 202 27.88 15.08 -34.70
CA ASP B 202 27.11 16.32 -34.71
C ASP B 202 25.63 15.98 -34.87
N PRO B 203 24.83 16.14 -33.80
CA PRO B 203 23.40 15.85 -33.82
C PRO B 203 22.66 16.53 -34.96
N GLN B 204 23.01 17.79 -35.21
CA GLN B 204 22.33 18.50 -36.27
C GLN B 204 22.58 17.94 -37.65
N LEU B 205 23.68 17.20 -37.80
CA LEU B 205 24.00 16.63 -39.10
C LEU B 205 23.42 15.24 -39.31
N SER B 206 22.27 14.96 -38.71
CA SER B 206 21.65 13.67 -38.89
C SER B 206 21.15 13.57 -40.32
N HIS B 207 21.17 12.35 -40.85
CA HIS B 207 20.72 12.07 -42.22
C HIS B 207 20.03 10.71 -42.12
N ALA B 208 18.75 10.74 -41.76
CA ALA B 208 17.99 9.51 -41.59
C ALA B 208 17.52 8.83 -42.87
N VAL B 209 17.41 7.51 -42.79
CA VAL B 209 16.94 6.69 -43.89
C VAL B 209 16.10 5.62 -43.21
N SER B 210 15.01 5.21 -43.84
CA SER B 210 14.12 4.23 -43.25
C SER B 210 13.48 3.34 -44.30
N LEU B 211 12.87 2.25 -43.84
CA LEU B 211 12.20 1.31 -44.73
C LEU B 211 11.38 0.39 -43.87
N SER B 212 10.13 0.20 -44.23
CA SER B 212 9.24 -0.65 -43.45
C SER B 212 8.96 -2.02 -44.07
N TYR B 213 8.82 -3.02 -43.21
CA TYR B 213 8.53 -4.39 -43.62
C TYR B 213 7.34 -4.81 -42.78
N THR B 214 6.24 -5.20 -43.44
CA THR B 214 5.03 -5.61 -42.72
C THR B 214 5.00 -7.11 -42.40
N LEU B 215 5.14 -7.44 -41.13
CA LEU B 215 5.14 -8.83 -40.69
C LEU B 215 3.81 -9.50 -41.00
N ASN B 216 3.90 -10.54 -41.83
CA ASN B 216 2.75 -11.33 -42.28
C ASN B 216 2.03 -12.06 -41.14
N SER B 217 0.70 -12.01 -41.17
CA SER B 217 -0.16 -12.63 -40.17
C SER B 217 0.35 -13.99 -39.66
N GLN B 218 0.80 -14.83 -40.58
CA GLN B 218 1.33 -16.14 -40.23
C GLN B 218 2.21 -16.00 -38.99
N LEU B 219 3.15 -15.06 -39.08
CA LEU B 219 4.08 -14.79 -37.99
C LEU B 219 3.38 -14.21 -36.77
N ASN B 220 2.49 -13.24 -36.99
CA ASN B 220 1.78 -12.59 -35.89
C ASN B 220 1.22 -13.60 -34.88
N HIS B 221 0.49 -14.60 -35.37
CA HIS B 221 -0.09 -15.61 -34.50
C HIS B 221 1.01 -16.40 -33.79
N LEU B 222 2.11 -16.66 -34.49
CA LEU B 222 3.22 -17.38 -33.87
C LEU B 222 3.85 -16.55 -32.77
N LEU B 223 4.07 -15.26 -33.05
CA LEU B 223 4.66 -14.34 -32.08
C LEU B 223 3.88 -14.45 -30.78
N LEU B 224 2.57 -14.22 -30.87
CA LEU B 224 1.68 -14.29 -29.71
C LEU B 224 1.85 -15.64 -29.04
N LYS B 225 1.78 -16.70 -29.84
CA LYS B 225 1.94 -18.04 -29.31
C LYS B 225 3.24 -18.14 -28.51
N LEU B 226 4.35 -17.81 -29.17
CA LEU B 226 5.65 -17.85 -28.52
C LEU B 226 5.61 -17.10 -27.21
N ALA B 227 4.90 -15.97 -27.21
CA ALA B 227 4.77 -15.14 -26.03
C ALA B 227 4.12 -15.88 -24.87
N ASN B 228 2.98 -16.50 -25.12
CA ASN B 228 2.26 -17.24 -24.09
C ASN B 228 3.15 -18.31 -23.47
N ALA B 229 3.60 -19.24 -24.30
CA ALA B 229 4.46 -20.34 -23.88
C ALA B 229 5.48 -19.95 -22.81
N ASN B 230 6.27 -18.92 -23.08
CA ASN B 230 7.28 -18.49 -22.12
C ASN B 230 6.75 -17.50 -21.09
N GLN B 231 5.44 -17.52 -20.89
CA GLN B 231 4.77 -16.65 -19.94
C GLN B 231 5.37 -15.24 -19.96
N ILE B 232 5.28 -14.60 -21.12
CA ILE B 232 5.82 -13.26 -21.29
C ILE B 232 4.98 -12.44 -22.29
N GLY B 233 5.15 -11.12 -22.27
CA GLY B 233 4.40 -10.26 -23.18
C GLY B 233 5.00 -10.29 -24.57
N TRP B 234 4.18 -10.10 -25.61
CA TRP B 234 4.73 -10.13 -26.95
C TRP B 234 5.71 -9.00 -27.25
N PRO B 235 5.60 -7.88 -26.55
CA PRO B 235 6.60 -6.87 -26.90
C PRO B 235 7.97 -7.37 -26.39
N ASP B 236 7.97 -7.92 -25.18
CA ASP B 236 9.20 -8.45 -24.58
C ASP B 236 9.72 -9.62 -25.41
N ALA B 237 8.80 -10.36 -26.03
CA ALA B 237 9.20 -11.49 -26.85
C ALA B 237 9.84 -11.01 -28.14
N LEU B 238 9.38 -9.86 -28.63
CA LEU B 238 9.91 -9.28 -29.87
C LEU B 238 11.35 -8.79 -29.63
N VAL B 239 11.61 -8.27 -28.44
CA VAL B 239 12.94 -7.81 -28.09
C VAL B 239 13.87 -9.03 -28.04
N ALA B 240 13.44 -10.07 -27.34
CA ALA B 240 14.21 -11.30 -27.22
C ALA B 240 14.56 -11.80 -28.62
N LEU B 241 13.57 -11.84 -29.50
CA LEU B 241 13.79 -12.28 -30.88
C LEU B 241 14.73 -11.37 -31.64
N CYS B 242 14.66 -10.07 -31.38
CA CYS B 242 15.53 -9.12 -32.05
C CYS B 242 16.95 -9.37 -31.56
N ALA B 243 17.07 -9.60 -30.26
CA ALA B 243 18.38 -9.89 -29.70
C ALA B 243 18.92 -11.15 -30.36
N LEU B 244 18.04 -12.10 -30.65
CA LEU B 244 18.46 -13.35 -31.29
C LEU B 244 18.97 -13.01 -32.68
N TYR B 245 18.10 -12.45 -33.52
CA TYR B 245 18.49 -12.07 -34.88
C TYR B 245 19.84 -11.37 -34.89
N LEU B 246 20.10 -10.56 -33.87
CA LEU B 246 21.34 -9.82 -33.77
C LEU B 246 22.52 -10.68 -33.41
N GLU B 247 22.28 -11.95 -33.11
CA GLU B 247 23.38 -12.83 -32.75
C GLU B 247 24.24 -13.11 -33.97
N SER B 248 23.61 -13.14 -35.14
CA SER B 248 24.32 -13.40 -36.38
C SER B 248 24.03 -12.36 -37.45
N ALA B 249 23.93 -11.10 -37.04
CA ALA B 249 23.67 -10.01 -37.96
C ALA B 249 24.60 -8.87 -37.61
N GLU B 250 25.13 -8.93 -36.40
CA GLU B 250 26.04 -7.92 -35.89
C GLU B 250 26.58 -8.49 -34.58
N PRO B 251 27.18 -9.69 -34.64
CA PRO B 251 27.75 -10.39 -33.48
C PRO B 251 28.70 -9.54 -32.63
N ASP B 252 29.21 -8.47 -33.19
CA ASP B 252 30.13 -7.60 -32.46
C ASP B 252 29.42 -6.62 -31.54
N ALA B 253 28.08 -6.59 -31.64
CA ALA B 253 27.26 -5.70 -30.82
C ALA B 253 26.71 -6.46 -29.62
N PRO B 254 27.44 -6.47 -28.51
CA PRO B 254 26.99 -7.17 -27.31
C PRO B 254 25.67 -6.66 -26.78
N TRP B 255 25.50 -5.35 -26.81
CA TRP B 255 24.30 -4.72 -26.26
C TRP B 255 23.16 -4.34 -27.20
N LEU B 256 21.95 -4.33 -26.65
CA LEU B 256 20.73 -3.95 -27.36
C LEU B 256 20.06 -2.92 -26.45
N TRP B 257 19.88 -1.70 -26.93
CA TRP B 257 19.28 -0.65 -26.11
C TRP B 257 17.75 -0.64 -26.20
N LEU B 258 17.14 -0.51 -25.03
CA LEU B 258 15.69 -0.54 -24.91
C LEU B 258 15.16 0.67 -24.21
N PRO B 259 13.99 1.14 -24.64
CA PRO B 259 13.38 2.30 -23.99
C PRO B 259 12.48 1.73 -22.88
N PHE B 260 12.75 2.11 -21.63
CA PHE B 260 11.91 1.67 -20.53
C PHE B 260 11.01 2.85 -20.13
N MET B 261 9.72 2.76 -20.43
CA MET B 261 8.76 3.83 -20.12
C MET B 261 8.88 4.42 -18.71
N ASN B 262 9.17 3.56 -17.74
CA ASN B 262 9.28 4.00 -16.36
C ASN B 262 7.97 4.65 -15.87
N ARG B 263 6.84 4.02 -16.22
CA ARG B 263 5.52 4.47 -15.80
C ARG B 263 4.99 3.41 -14.82
N TRP B 264 5.43 2.17 -15.07
CA TRP B 264 5.09 1.00 -14.26
C TRP B 264 5.04 1.26 -12.74
N GLY B 265 3.84 1.15 -12.18
CA GLY B 265 3.65 1.35 -10.75
C GLY B 265 4.09 2.69 -10.18
N SER B 266 3.74 3.76 -10.89
CA SER B 266 4.15 5.11 -10.46
C SER B 266 3.09 6.14 -10.84
N VAL B 267 2.98 7.19 -10.03
CA VAL B 267 2.02 8.25 -10.35
C VAL B 267 2.23 8.66 -11.81
N ALA B 268 3.47 8.56 -12.29
CA ALA B 268 3.79 8.93 -13.66
C ALA B 268 2.81 8.30 -14.63
N ALA B 269 2.16 7.23 -14.20
CA ALA B 269 1.19 6.55 -15.04
C ALA B 269 0.04 7.48 -15.37
N ASN B 270 -0.22 8.43 -14.48
CA ASN B 270 -1.31 9.38 -14.69
C ASN B 270 -0.80 10.81 -14.82
N VAL B 271 0.44 10.95 -15.25
CA VAL B 271 1.03 12.25 -15.41
C VAL B 271 1.85 12.36 -16.70
N PRO B 272 1.25 12.92 -17.78
CA PRO B 272 2.00 13.04 -19.04
C PRO B 272 3.28 13.83 -18.73
N GLY B 273 4.38 13.42 -19.31
CA GLY B 273 5.64 14.10 -19.05
C GLY B 273 6.79 13.32 -19.65
N LEU B 274 7.99 13.55 -19.15
CA LEU B 274 9.17 12.85 -19.64
C LEU B 274 9.63 11.84 -18.61
N MET B 275 9.54 10.55 -18.90
CA MET B 275 10.03 9.61 -17.92
C MET B 275 10.83 8.46 -18.54
N VAL B 276 10.72 8.31 -19.85
CA VAL B 276 11.40 7.22 -20.53
C VAL B 276 12.92 7.20 -20.29
N ASN B 277 13.41 6.00 -19.94
CA ASN B 277 14.83 5.76 -19.65
C ASN B 277 15.39 4.75 -20.65
N SER B 278 16.47 5.12 -21.31
CA SER B 278 17.13 4.23 -22.27
C SER B 278 18.14 3.37 -21.53
N LEU B 279 18.03 2.05 -21.69
CA LEU B 279 18.91 1.15 -20.98
C LEU B 279 19.49 0.07 -21.87
N PRO B 280 20.69 -0.43 -21.51
CA PRO B 280 21.37 -1.46 -22.27
C PRO B 280 21.10 -2.91 -21.82
N LEU B 281 20.53 -3.70 -22.71
CA LEU B 281 20.28 -5.11 -22.44
C LEU B 281 21.47 -5.89 -23.01
N LEU B 282 22.21 -6.60 -22.14
CA LEU B 282 23.34 -7.38 -22.60
C LEU B 282 22.73 -8.60 -23.26
N ARG B 283 22.82 -8.63 -24.59
CA ARG B 283 22.26 -9.70 -25.39
C ARG B 283 22.78 -11.06 -24.93
N LEU B 284 21.87 -12.01 -24.77
CA LEU B 284 22.23 -13.36 -24.33
C LEU B 284 22.74 -14.22 -25.48
N SER B 285 23.60 -15.18 -25.14
CA SER B 285 24.18 -16.08 -26.13
C SER B 285 23.18 -17.03 -26.78
N ALA B 286 23.32 -17.23 -28.08
CA ALA B 286 22.41 -18.12 -28.82
C ALA B 286 23.04 -19.49 -29.07
N GLN B 287 23.76 -20.00 -28.09
CA GLN B 287 24.42 -21.29 -28.20
C GLN B 287 24.31 -22.06 -26.90
N GLN B 288 23.92 -23.33 -27.01
CA GLN B 288 23.78 -24.21 -25.86
C GLN B 288 22.48 -23.94 -25.12
N THR B 289 21.46 -23.57 -25.86
CA THR B 289 20.15 -23.29 -25.30
C THR B 289 19.13 -23.38 -26.41
N SER B 290 17.92 -23.78 -26.05
CA SER B 290 16.84 -23.91 -27.02
C SER B 290 16.14 -22.56 -27.20
N LEU B 291 15.40 -22.43 -28.30
CA LEU B 291 14.68 -21.21 -28.58
C LEU B 291 13.83 -20.84 -27.37
N GLY B 292 12.98 -21.77 -26.95
CA GLY B 292 12.13 -21.55 -25.79
C GLY B 292 12.91 -21.20 -24.54
N ASN B 293 14.13 -21.71 -24.43
CA ASN B 293 14.96 -21.42 -23.27
C ASN B 293 15.62 -20.04 -23.41
N TYR B 294 15.81 -19.61 -24.65
CA TYR B 294 16.41 -18.30 -24.94
C TYR B 294 15.39 -17.21 -24.58
N LEU B 295 14.16 -17.37 -25.06
CA LEU B 295 13.09 -16.40 -24.79
C LEU B 295 12.83 -16.27 -23.29
N LYS B 296 12.63 -17.38 -22.61
CA LYS B 296 12.37 -17.35 -21.18
C LYS B 296 13.48 -16.60 -20.41
N GLN B 297 14.72 -16.87 -20.74
CA GLN B 297 15.82 -16.21 -20.05
C GLN B 297 16.03 -14.76 -20.51
N SER B 298 15.64 -14.47 -21.74
CA SER B 298 15.76 -13.10 -22.26
C SER B 298 14.77 -12.24 -21.47
N GLY B 299 13.55 -12.76 -21.35
CA GLY B 299 12.51 -12.06 -20.64
C GLY B 299 12.89 -11.77 -19.21
N GLN B 300 13.61 -12.69 -18.58
CA GLN B 300 14.04 -12.50 -17.19
C GLN B 300 15.00 -11.32 -17.07
N ALA B 301 15.99 -11.31 -17.96
CA ALA B 301 16.98 -10.24 -17.96
C ALA B 301 16.25 -8.93 -18.28
N ILE B 302 15.36 -8.98 -19.27
CA ILE B 302 14.62 -7.79 -19.62
C ILE B 302 13.81 -7.30 -18.42
N ARG B 303 13.24 -8.24 -17.68
CA ARG B 303 12.45 -7.88 -16.52
C ARG B 303 13.34 -7.14 -15.53
N SER B 304 14.56 -7.65 -15.36
CA SER B 304 15.48 -7.03 -14.42
C SER B 304 15.74 -5.57 -14.78
N LEU B 305 15.82 -5.27 -16.07
CA LEU B 305 16.03 -3.88 -16.48
C LEU B 305 14.87 -3.04 -15.94
N TYR B 306 13.65 -3.38 -16.35
CA TYR B 306 12.46 -2.63 -15.90
C TYR B 306 12.49 -2.47 -14.39
N LEU B 307 12.75 -3.57 -13.68
CA LEU B 307 12.78 -3.55 -12.23
C LEU B 307 13.81 -2.55 -11.67
N HIS B 308 14.91 -2.34 -12.39
CA HIS B 308 15.93 -1.39 -11.92
C HIS B 308 15.93 -0.14 -12.79
N GLY B 309 14.93 -0.07 -13.67
CA GLY B 309 14.79 1.03 -14.61
C GLY B 309 14.64 2.45 -14.09
N ARG B 310 14.12 2.63 -12.89
CA ARG B 310 13.99 3.98 -12.42
C ARG B 310 15.34 4.68 -12.30
N TYR B 311 16.43 3.93 -12.10
CA TYR B 311 17.75 4.57 -12.00
C TYR B 311 18.03 5.18 -13.39
N ARG B 312 18.37 6.46 -13.41
CA ARG B 312 18.61 7.17 -14.66
C ARG B 312 19.91 6.81 -15.42
N ILE B 313 19.76 6.58 -16.72
CA ILE B 313 20.90 6.22 -17.57
C ILE B 313 21.97 7.31 -17.54
N GLU B 314 21.54 8.56 -17.41
CA GLU B 314 22.46 9.69 -17.34
C GLU B 314 23.21 9.57 -16.03
N GLN B 315 22.56 8.97 -15.04
CA GLN B 315 23.17 8.78 -13.72
C GLN B 315 24.20 7.65 -13.79
N ILE B 316 23.87 6.63 -14.57
CA ILE B 316 24.74 5.49 -14.78
C ILE B 316 26.01 5.99 -15.44
N GLU B 317 25.87 6.83 -16.48
CA GLU B 317 27.03 7.37 -17.17
C GLU B 317 27.96 8.02 -16.17
N GLN B 318 27.39 8.84 -15.29
CA GLN B 318 28.21 9.51 -14.29
C GLN B 318 28.89 8.46 -13.43
N ASP B 319 28.14 7.42 -13.07
CA ASP B 319 28.69 6.35 -12.24
C ASP B 319 29.82 5.59 -12.95
N GLN B 320 29.67 5.33 -14.25
CA GLN B 320 30.70 4.64 -15.02
C GLN B 320 31.92 5.53 -15.26
N GLY B 321 31.92 6.69 -14.61
CA GLY B 321 33.02 7.63 -14.74
C GLY B 321 33.13 8.40 -16.04
N LEU B 322 32.00 8.69 -16.68
CA LEU B 322 32.02 9.46 -17.92
C LEU B 322 31.96 10.94 -17.54
N ASN B 323 32.55 11.80 -18.37
CA ASN B 323 32.53 13.24 -18.11
C ASN B 323 31.32 13.86 -18.79
N ALA B 324 30.99 15.09 -18.40
CA ALA B 324 29.84 15.79 -18.97
C ALA B 324 29.78 15.77 -20.51
N GLU B 325 30.95 15.80 -21.15
CA GLU B 325 31.04 15.82 -22.61
C GLU B 325 30.85 14.45 -23.25
N GLN B 326 30.57 13.43 -22.44
CA GLN B 326 30.41 12.09 -22.97
C GLN B 326 29.06 11.45 -22.69
N SER B 327 28.68 10.51 -23.54
CA SER B 327 27.42 9.79 -23.40
C SER B 327 27.52 8.42 -24.07
N TYR B 328 26.50 7.60 -23.92
CA TYR B 328 26.51 6.28 -24.54
C TYR B 328 25.87 6.36 -25.91
N PHE B 329 26.51 5.69 -26.86
CA PHE B 329 26.01 5.61 -28.22
C PHE B 329 24.95 4.52 -28.08
N MET B 330 23.69 4.89 -28.14
CA MET B 330 22.65 3.89 -27.97
C MET B 330 22.15 3.22 -29.24
N SER B 331 23.02 2.39 -29.80
CA SER B 331 22.74 1.64 -31.03
C SER B 331 23.36 0.25 -30.87
N PRO B 332 22.65 -0.82 -31.27
CA PRO B 332 21.31 -0.91 -31.86
C PRO B 332 20.23 -0.50 -30.85
N PHE B 333 19.04 -0.15 -31.36
CA PHE B 333 17.95 0.26 -30.51
C PHE B 333 16.64 -0.33 -31.01
N ILE B 334 15.90 -1.01 -30.13
CA ILE B 334 14.62 -1.54 -30.57
C ILE B 334 13.52 -0.78 -29.83
N ASN B 335 12.50 -0.40 -30.58
CA ASN B 335 11.39 0.34 -30.01
C ASN B 335 10.09 -0.36 -30.33
N ILE B 336 9.27 -0.54 -29.30
CA ILE B 336 7.97 -1.16 -29.53
C ILE B 336 6.86 -0.12 -29.38
N LEU B 337 6.06 0.03 -30.43
CA LEU B 337 4.95 0.98 -30.44
C LEU B 337 3.62 0.24 -30.59
N PRO B 338 3.07 -0.27 -29.48
CA PRO B 338 1.81 -1.03 -29.43
C PRO B 338 0.50 -0.24 -29.50
N PHE B 339 0.47 0.88 -28.79
CA PHE B 339 -0.69 1.77 -28.68
C PHE B 339 -1.44 2.14 -29.95
N GLU B 340 -2.76 2.10 -29.88
CA GLU B 340 -3.59 2.47 -31.03
C GLU B 340 -3.83 3.98 -31.02
N SER B 341 -4.33 4.50 -32.14
CA SER B 341 -4.60 5.91 -32.22
C SER B 341 -5.88 6.23 -31.45
N PRO B 342 -6.08 7.50 -31.06
CA PRO B 342 -7.28 7.87 -30.32
C PRO B 342 -8.52 7.57 -31.17
N HIS B 343 -9.62 7.21 -30.50
CA HIS B 343 -10.87 6.89 -31.19
C HIS B 343 -12.00 7.88 -30.88
N PHE B 344 -12.74 8.26 -31.92
CA PHE B 344 -13.85 9.17 -31.76
C PHE B 344 -15.08 8.61 -32.44
N ALA B 345 -16.17 8.50 -31.68
CA ALA B 345 -17.43 7.96 -32.18
C ALA B 345 -17.76 8.28 -33.63
N ASP B 346 -18.07 7.21 -34.37
CA ASP B 346 -18.45 7.27 -35.77
C ASP B 346 -17.42 7.99 -36.68
N CYS B 347 -16.16 7.92 -36.28
CA CYS B 347 -15.10 8.56 -37.04
C CYS B 347 -13.87 7.70 -37.29
N GLN B 348 -13.05 8.14 -38.23
CA GLN B 348 -11.81 7.45 -38.58
C GLN B 348 -10.63 8.28 -38.11
N THR B 349 -9.67 7.63 -37.47
CA THR B 349 -8.47 8.33 -36.99
C THR B 349 -7.22 7.93 -37.75
N GLU B 350 -6.64 8.88 -38.47
CA GLU B 350 -5.40 8.63 -39.21
C GLU B 350 -4.27 9.38 -38.52
N LEU B 351 -3.57 8.68 -37.63
CA LEU B 351 -2.46 9.27 -36.90
C LEU B 351 -1.19 9.40 -37.77
N LYS B 352 -0.45 10.48 -37.59
CA LYS B 352 0.76 10.69 -38.37
C LYS B 352 1.86 11.34 -37.50
N VAL B 353 3.03 10.71 -37.41
CA VAL B 353 4.14 11.25 -36.63
C VAL B 353 4.92 12.26 -37.47
N LEU B 354 4.84 13.55 -37.13
CA LEU B 354 5.53 14.61 -37.88
C LEU B 354 6.89 14.96 -37.31
N ALA B 355 7.21 14.43 -36.14
CA ALA B 355 8.50 14.69 -35.50
C ALA B 355 8.58 13.78 -34.30
N SER B 356 9.70 13.09 -34.17
CA SER B 356 9.92 12.19 -33.05
C SER B 356 11.36 12.28 -32.58
N GLY B 357 11.97 13.43 -32.84
CA GLY B 357 13.35 13.66 -32.45
C GLY B 357 14.33 12.80 -33.21
N SER B 358 15.48 13.36 -33.52
CA SER B 358 16.51 12.65 -34.25
C SER B 358 17.18 11.62 -33.35
N ALA B 359 17.54 10.49 -33.94
CA ALA B 359 18.20 9.42 -33.19
C ALA B 359 19.48 8.99 -33.89
N GLU B 360 20.47 8.59 -33.09
CA GLU B 360 21.74 8.15 -33.63
C GLU B 360 21.69 6.65 -33.96
N GLY B 361 22.76 6.15 -34.60
CA GLY B 361 22.85 4.74 -34.94
C GLY B 361 21.76 4.15 -35.81
N ILE B 362 21.36 2.92 -35.49
CA ILE B 362 20.31 2.25 -36.25
C ILE B 362 19.17 1.86 -35.30
N ASN B 363 17.93 1.95 -35.79
CA ASN B 363 16.78 1.63 -34.96
C ASN B 363 15.81 0.64 -35.57
N PHE B 364 15.38 -0.31 -34.75
CA PHE B 364 14.39 -1.29 -35.16
C PHE B 364 13.13 -0.95 -34.38
N THR B 365 12.09 -0.52 -35.08
CA THR B 365 10.84 -0.15 -34.43
C THR B 365 9.66 -1.01 -34.88
N PHE B 366 8.95 -1.58 -33.91
CA PHE B 366 7.78 -2.40 -34.21
C PHE B 366 6.47 -1.64 -33.96
N ARG B 367 5.81 -1.28 -35.05
CA ARG B 367 4.55 -0.53 -34.99
C ARG B 367 3.33 -1.39 -35.26
N GLY B 368 2.36 -1.34 -34.36
CA GLY B 368 1.15 -2.13 -34.55
C GLY B 368 0.90 -3.11 -33.44
N SER B 369 0.33 -4.26 -33.79
CA SER B 369 0.03 -5.27 -32.78
C SER B 369 -0.22 -6.63 -33.43
N PRO B 370 0.38 -7.69 -32.85
CA PRO B 370 0.18 -9.02 -33.42
C PRO B 370 -1.31 -9.35 -33.49
N GLN B 371 -2.07 -8.77 -32.57
CA GLN B 371 -3.51 -8.97 -32.52
C GLN B 371 -4.12 -8.57 -33.88
N HIS B 372 -3.58 -7.49 -34.46
CA HIS B 372 -4.04 -7.02 -35.77
C HIS B 372 -2.85 -7.02 -36.73
N GLU B 373 -2.32 -5.83 -37.00
CA GLU B 373 -1.20 -5.68 -37.93
C GLU B 373 -0.02 -4.91 -37.33
N LEU B 374 1.19 -5.33 -37.68
CA LEU B 374 2.40 -4.63 -37.22
C LEU B 374 3.50 -4.67 -38.29
N CYS B 375 4.24 -3.57 -38.39
CA CYS B 375 5.30 -3.43 -39.36
C CYS B 375 6.65 -3.08 -38.74
N LEU B 376 7.69 -3.78 -39.17
CA LEU B 376 9.03 -3.55 -38.68
C LEU B 376 9.59 -2.33 -39.38
N ASP B 377 10.14 -1.41 -38.62
CA ASP B 377 10.70 -0.19 -39.20
C ASP B 377 12.19 -0.10 -38.92
N ILE B 378 12.99 -0.27 -39.97
CA ILE B 378 14.45 -0.17 -39.81
C ILE B 378 14.87 1.23 -40.27
N THR B 379 15.31 2.05 -39.31
CA THR B 379 15.73 3.41 -39.60
C THR B 379 17.18 3.62 -39.17
N ALA B 380 17.92 4.41 -39.94
CA ALA B 380 19.31 4.66 -39.64
C ALA B 380 19.74 6.09 -39.88
N ASP B 381 20.75 6.51 -39.13
CA ASP B 381 21.34 7.84 -39.26
C ASP B 381 22.67 7.63 -39.99
N LEU B 382 22.70 7.95 -41.27
CA LEU B 382 23.92 7.78 -42.06
C LEU B 382 25.10 8.56 -41.52
N ALA B 383 24.85 9.65 -40.79
CA ALA B 383 25.94 10.43 -40.24
C ALA B 383 26.50 9.78 -38.99
N SER B 384 25.93 8.62 -38.64
CA SER B 384 26.40 7.90 -37.46
C SER B 384 26.26 6.39 -37.63
N TYR B 385 25.93 5.97 -38.86
CA TYR B 385 25.76 4.54 -39.15
C TYR B 385 25.98 4.20 -40.62
N PRO B 386 26.70 3.10 -40.88
CA PRO B 386 27.02 2.64 -42.23
C PRO B 386 25.80 2.34 -43.08
N GLN B 387 25.56 3.15 -44.10
CA GLN B 387 24.42 2.93 -44.99
C GLN B 387 24.40 1.48 -45.44
N SER B 388 25.58 0.88 -45.56
CA SER B 388 25.68 -0.50 -46.02
C SER B 388 25.01 -1.41 -45.01
N HIS B 389 25.53 -1.40 -43.79
CA HIS B 389 24.97 -2.23 -42.74
C HIS B 389 23.46 -2.03 -42.62
N TRP B 390 23.02 -0.80 -42.87
CA TRP B 390 21.62 -0.50 -42.81
C TRP B 390 20.88 -1.34 -43.84
N GLN B 391 21.31 -1.25 -45.10
CA GLN B 391 20.67 -2.03 -46.17
C GLN B 391 20.82 -3.51 -45.87
N SER B 392 21.92 -3.85 -45.23
CA SER B 392 22.15 -5.23 -44.85
C SER B 392 20.97 -5.66 -43.98
N HIS B 393 20.72 -4.89 -42.93
CA HIS B 393 19.64 -5.16 -41.98
C HIS B 393 18.26 -5.19 -42.63
N CYS B 394 18.05 -4.30 -43.60
CA CYS B 394 16.75 -4.25 -44.26
C CYS B 394 16.40 -5.55 -44.98
N GLU B 395 17.42 -6.21 -45.56
CA GLU B 395 17.17 -7.45 -46.27
C GLU B 395 17.22 -8.65 -45.34
N ARG B 396 18.19 -8.65 -44.44
CA ARG B 396 18.38 -9.76 -43.53
C ARG B 396 17.44 -9.87 -42.32
N PHE B 397 16.89 -8.75 -41.85
CA PHE B 397 16.00 -8.84 -40.69
C PHE B 397 14.69 -9.52 -41.08
N PRO B 398 14.05 -9.10 -42.19
CA PRO B 398 12.79 -9.75 -42.55
C PRO B 398 12.99 -11.26 -42.77
N ARG B 399 14.02 -11.60 -43.55
CA ARG B 399 14.33 -13.00 -43.84
C ARG B 399 14.31 -13.79 -42.54
N PHE B 400 14.92 -13.21 -41.50
CA PHE B 400 14.98 -13.82 -40.18
C PHE B 400 13.58 -14.22 -39.71
N PHE B 401 12.58 -13.47 -40.13
CA PHE B 401 11.20 -13.76 -39.75
C PHE B 401 10.56 -14.77 -40.67
N GLU B 402 11.05 -14.84 -41.90
CA GLU B 402 10.52 -15.81 -42.86
C GLU B 402 11.08 -17.18 -42.46
N GLN B 403 12.28 -17.17 -41.89
CA GLN B 403 12.93 -18.39 -41.43
C GLN B 403 12.18 -18.95 -40.24
N LEU B 404 11.86 -18.08 -39.29
CA LEU B 404 11.14 -18.49 -38.10
C LEU B 404 9.77 -19.04 -38.46
N LEU B 405 9.06 -18.37 -39.38
CA LEU B 405 7.75 -18.81 -39.82
C LEU B 405 7.88 -20.15 -40.54
N ALA B 406 8.99 -20.33 -41.25
CA ALA B 406 9.25 -21.55 -42.00
C ALA B 406 9.68 -22.71 -41.10
N ARG B 407 10.60 -22.45 -40.17
CA ARG B 407 11.07 -23.49 -39.26
C ARG B 407 9.90 -23.96 -38.40
N PHE B 408 8.85 -23.14 -38.35
CA PHE B 408 7.65 -23.46 -37.58
C PHE B 408 6.80 -24.44 -38.39
N GLN B 409 6.34 -23.99 -39.55
CA GLN B 409 5.51 -24.83 -40.41
C GLN B 409 6.23 -26.16 -40.63
N GLN B 410 7.56 -26.07 -40.74
CA GLN B 410 8.42 -27.25 -40.95
C GLN B 410 8.47 -28.15 -39.71
N VAL B 411 7.59 -27.91 -38.76
CA VAL B 411 7.50 -28.72 -37.55
C VAL B 411 6.03 -28.88 -37.21
N GLU B 412 5.19 -28.78 -38.25
CA GLU B 412 3.75 -28.96 -38.11
C GLU B 412 3.21 -28.08 -36.99
N GLN B 413 3.47 -26.78 -37.07
CA GLN B 413 3.01 -25.82 -36.07
C GLN B 413 3.09 -26.36 -34.64
N ASP B 414 4.11 -27.17 -34.38
CA ASP B 414 4.30 -27.75 -33.05
C ASP B 414 5.06 -26.77 -32.17
N VAL B 415 4.32 -25.86 -31.56
CA VAL B 415 4.88 -24.81 -30.70
C VAL B 415 5.97 -25.29 -29.74
N ALA B 416 5.68 -26.31 -28.95
CA ALA B 416 6.64 -26.83 -27.98
C ALA B 416 7.90 -27.41 -28.63
N ARG B 417 7.77 -27.78 -29.91
CA ARG B 417 8.90 -28.33 -30.66
C ARG B 417 9.78 -27.21 -31.17
N LEU B 418 9.16 -26.13 -31.63
CA LEU B 418 9.93 -24.98 -32.11
C LEU B 418 10.78 -24.52 -30.95
N LEU B 419 10.18 -24.49 -29.76
CA LEU B 419 10.86 -24.06 -28.54
C LEU B 419 11.86 -25.10 -28.02
N ALA B 420 11.96 -26.23 -28.70
CA ALA B 420 12.88 -27.28 -28.30
C ALA B 420 14.18 -27.20 -29.11
N GLU B 421 14.07 -26.81 -30.37
CA GLU B 421 15.25 -26.69 -31.23
C GLU B 421 16.15 -25.59 -30.71
N PRO B 422 17.48 -25.79 -30.78
CA PRO B 422 18.46 -24.80 -30.29
C PRO B 422 18.21 -23.38 -30.80
N ALA B 423 18.85 -22.42 -30.14
CA ALA B 423 18.73 -21.01 -30.48
C ALA B 423 18.54 -20.76 -31.98
N ALA B 424 19.64 -20.48 -32.68
CA ALA B 424 19.57 -20.23 -34.11
C ALA B 424 19.87 -21.52 -34.88
N MET C 1 -7.46 -1.18 26.78
CA MET C 1 -6.60 0.03 26.89
C MET C 1 -5.62 0.02 25.74
N LEU C 2 -5.46 1.15 25.07
CA LEU C 2 -4.52 1.23 23.96
C LEU C 2 -3.06 1.23 24.43
N LEU C 3 -2.15 0.95 23.50
CA LEU C 3 -0.73 0.92 23.81
C LEU C 3 -0.26 2.30 24.27
N ALA C 4 -0.73 3.33 23.57
CA ALA C 4 -0.39 4.70 23.87
C ALA C 4 -0.73 5.04 25.31
N GLN C 5 -1.70 4.33 25.86
CA GLN C 5 -2.13 4.58 27.22
C GLN C 5 -1.36 3.83 28.29
N LYS C 6 -0.87 2.65 27.94
CA LYS C 6 -0.12 1.79 28.86
C LYS C 6 0.94 2.53 29.69
N PRO C 7 1.82 3.30 29.03
CA PRO C 7 2.84 4.00 29.82
C PRO C 7 2.28 4.98 30.84
N PHE C 8 1.16 5.64 30.54
CA PHE C 8 0.59 6.55 31.54
C PHE C 8 0.04 5.67 32.66
N TRP C 9 -0.57 4.55 32.28
CA TRP C 9 -1.12 3.67 33.30
C TRP C 9 -0.03 3.19 34.26
N GLN C 10 1.07 2.69 33.70
CA GLN C 10 2.20 2.21 34.48
C GLN C 10 2.80 3.30 35.38
N ARG C 11 2.98 4.50 34.83
CA ARG C 11 3.54 5.61 35.61
C ARG C 11 2.68 5.88 36.83
N HIS C 12 1.38 5.72 36.65
CA HIS C 12 0.47 5.94 37.74
C HIS C 12 0.66 4.86 38.80
N LEU C 13 0.71 3.60 38.39
CA LEU C 13 0.89 2.52 39.36
C LEU C 13 2.22 2.67 40.06
N ALA C 14 3.24 3.08 39.32
CA ALA C 14 4.56 3.26 39.91
C ALA C 14 4.57 4.41 40.94
N TYR C 15 3.95 5.53 40.62
CA TYR C 15 3.92 6.66 41.55
C TYR C 15 2.48 7.14 41.70
N PRO C 16 1.70 6.44 42.55
CA PRO C 16 0.29 6.78 42.79
C PRO C 16 0.07 8.11 43.50
N HIS C 17 1.03 8.47 44.36
CA HIS C 17 0.93 9.69 45.13
C HIS C 17 1.18 11.01 44.40
N ILE C 18 1.49 10.97 43.10
CA ILE C 18 1.72 12.23 42.38
C ILE C 18 1.04 12.31 41.00
N ASN C 19 0.76 13.53 40.56
CA ASN C 19 0.14 13.76 39.26
C ASN C 19 1.22 14.03 38.25
N LEU C 20 1.74 12.99 37.63
CA LEU C 20 2.76 13.21 36.64
C LEU C 20 2.18 13.65 35.30
N ASP C 21 1.10 12.98 34.88
CA ASP C 21 0.52 13.26 33.57
C ASP C 21 -0.88 13.86 33.55
N THR C 22 -0.99 15.08 34.05
CA THR C 22 -2.26 15.79 34.07
C THR C 22 -2.28 16.93 33.06
N VAL C 23 -3.43 17.15 32.44
CA VAL C 23 -3.59 18.24 31.49
C VAL C 23 -4.68 19.11 32.12
N ALA C 24 -4.46 20.43 32.13
CA ALA C 24 -5.43 21.36 32.72
C ALA C 24 -5.29 22.73 32.12
N HIS C 25 -6.41 23.26 31.67
CA HIS C 25 -6.44 24.58 31.07
C HIS C 25 -7.47 25.47 31.78
N SER C 26 -7.17 26.75 31.85
CA SER C 26 -8.11 27.68 32.43
C SER C 26 -8.43 28.64 31.30
N LEU C 27 -9.70 28.96 31.16
CA LEU C 27 -10.14 29.92 30.14
C LEU C 27 -10.84 31.00 30.95
N ARG C 28 -10.31 32.21 30.84
CA ARG C 28 -10.89 33.34 31.55
C ARG C 28 -11.55 34.15 30.44
N LEU C 29 -12.84 34.41 30.60
CA LEU C 29 -13.60 35.17 29.61
C LEU C 29 -14.06 36.54 30.13
N THR C 30 -13.68 37.57 29.41
CA THR C 30 -14.01 38.92 29.78
C THR C 30 -14.97 39.47 28.74
N GLY C 31 -16.18 39.79 29.19
CA GLY C 31 -17.17 40.29 28.27
C GLY C 31 -18.58 39.99 28.77
N PRO C 32 -19.57 40.61 28.17
CA PRO C 32 -20.98 40.41 28.55
C PRO C 32 -21.50 39.08 28.01
N LEU C 33 -20.93 38.00 28.52
CA LEU C 33 -21.28 36.66 28.10
C LEU C 33 -22.56 36.17 28.76
N ASP C 34 -23.27 35.26 28.09
CA ASP C 34 -24.51 34.69 28.62
C ASP C 34 -24.14 33.46 29.47
N THR C 35 -24.11 33.64 30.78
CA THR C 35 -23.73 32.54 31.67
C THR C 35 -24.49 31.27 31.43
N THR C 36 -25.81 31.36 31.44
CA THR C 36 -26.59 30.17 31.28
C THR C 36 -26.27 29.38 30.02
N LEU C 37 -26.13 30.07 28.89
CA LEU C 37 -25.81 29.41 27.63
C LEU C 37 -24.38 28.86 27.60
N LEU C 38 -23.45 29.50 28.31
CA LEU C 38 -22.06 29.02 28.40
C LEU C 38 -22.13 27.65 29.10
N LEU C 39 -22.87 27.60 30.20
CA LEU C 39 -23.04 26.37 30.97
C LEU C 39 -23.64 25.27 30.11
N ARG C 40 -24.68 25.61 29.35
CA ARG C 40 -25.33 24.64 28.47
C ARG C 40 -24.30 24.13 27.45
N ALA C 41 -23.60 25.07 26.82
CA ALA C 41 -22.60 24.73 25.83
C ALA C 41 -21.53 23.80 26.43
N LEU C 42 -21.13 24.07 27.67
CA LEU C 42 -20.13 23.23 28.29
C LEU C 42 -20.73 21.85 28.57
N HIS C 43 -22.00 21.84 28.95
CA HIS C 43 -22.71 20.58 29.22
C HIS C 43 -22.80 19.68 27.98
N LEU C 44 -23.08 20.29 26.84
CA LEU C 44 -23.21 19.55 25.59
C LEU C 44 -21.85 19.09 25.07
N THR C 45 -20.83 19.92 25.22
CA THR C 45 -19.50 19.53 24.72
C THR C 45 -18.94 18.32 25.47
N VAL C 46 -19.00 18.32 26.80
CA VAL C 46 -18.48 17.17 27.52
C VAL C 46 -19.29 15.92 27.26
N SER C 47 -20.57 16.06 26.98
CA SER C 47 -21.40 14.88 26.74
C SER C 47 -21.08 14.19 25.43
N GLU C 48 -20.50 14.92 24.49
CA GLU C 48 -20.13 14.37 23.19
C GLU C 48 -18.78 13.62 23.25
N ILE C 49 -18.03 13.79 24.34
CA ILE C 49 -16.71 13.17 24.46
C ILE C 49 -16.74 11.87 25.24
N ASP C 50 -16.95 10.76 24.55
CA ASP C 50 -17.02 9.49 25.24
C ASP C 50 -15.89 9.22 26.21
N LEU C 51 -14.66 9.39 25.77
CA LEU C 51 -13.53 9.07 26.62
C LEU C 51 -13.52 9.72 28.01
N PHE C 52 -14.17 10.87 28.19
CA PHE C 52 -14.22 11.49 29.53
C PHE C 52 -15.05 10.62 30.50
N ARG C 53 -15.75 9.63 29.97
CA ARG C 53 -16.52 8.75 30.84
C ARG C 53 -15.71 7.49 31.19
N ALA C 54 -14.45 7.48 30.76
CA ALA C 54 -13.60 6.34 31.02
C ALA C 54 -13.14 6.18 32.46
N ARG C 55 -12.93 4.93 32.85
CA ARG C 55 -12.46 4.60 34.17
C ARG C 55 -11.66 3.30 34.08
N PHE C 56 -10.82 3.07 35.07
CA PHE C 56 -9.98 1.88 35.07
C PHE C 56 -10.08 1.08 36.37
N SER C 57 -10.09 -0.24 36.24
CA SER C 57 -10.15 -1.15 37.38
C SER C 57 -8.73 -1.28 37.87
N ALA C 58 -8.55 -1.81 39.07
CA ALA C 58 -7.22 -1.97 39.62
C ALA C 58 -6.37 -2.85 38.70
N GLN C 59 -7.03 -3.56 37.81
CA GLN C 59 -6.33 -4.44 36.87
C GLN C 59 -5.97 -3.74 35.58
N GLY C 60 -6.36 -2.47 35.46
CA GLY C 60 -6.05 -1.75 34.26
C GLY C 60 -7.08 -1.94 33.15
N GLU C 61 -8.30 -2.36 33.52
CA GLU C 61 -9.35 -2.54 32.53
C GLU C 61 -10.12 -1.23 32.35
N LEU C 62 -10.26 -0.78 31.12
CA LEU C 62 -11.00 0.45 30.86
C LEU C 62 -12.47 0.11 30.66
N TYR C 63 -13.33 0.58 31.56
CA TYR C 63 -14.76 0.35 31.40
C TYR C 63 -15.44 1.71 31.28
N TRP C 64 -16.76 1.71 31.06
CA TRP C 64 -17.47 2.96 30.84
C TRP C 64 -18.51 3.44 31.85
N HIS C 65 -18.30 4.65 32.35
CA HIS C 65 -19.27 5.25 33.25
C HIS C 65 -20.44 5.67 32.37
N PRO C 66 -21.69 5.39 32.80
CA PRO C 66 -22.87 5.74 32.01
C PRO C 66 -23.23 7.23 31.96
N PHE C 67 -22.70 8.04 32.87
CA PHE C 67 -23.04 9.46 32.85
C PHE C 67 -21.89 10.37 32.42
N SER C 68 -22.23 11.46 31.74
CA SER C 68 -21.20 12.40 31.30
C SER C 68 -20.63 13.03 32.56
N PRO C 69 -19.48 13.71 32.47
CA PRO C 69 -18.96 14.30 33.70
C PRO C 69 -19.82 15.45 34.20
N PRO C 70 -19.83 15.68 35.51
CA PRO C 70 -20.62 16.78 36.06
C PRO C 70 -19.95 18.09 35.74
N ILE C 71 -20.75 19.15 35.65
CA ILE C 71 -20.20 20.48 35.41
C ILE C 71 -20.45 21.27 36.68
N ASP C 72 -19.42 21.47 37.49
CA ASP C 72 -19.55 22.20 38.75
C ASP C 72 -19.47 23.70 38.54
N TYR C 73 -20.61 24.37 38.78
CA TYR C 73 -20.74 25.81 38.59
C TYR C 73 -20.96 26.54 39.91
N GLN C 74 -20.39 27.73 40.01
CA GLN C 74 -20.53 28.56 41.19
C GLN C 74 -20.62 30.04 40.80
N ASP C 75 -21.69 30.69 41.23
CA ASP C 75 -21.84 32.12 40.97
C ASP C 75 -21.13 32.76 42.15
N LEU C 76 -20.07 33.51 41.90
CA LEU C 76 -19.32 34.12 42.99
C LEU C 76 -19.35 35.63 42.90
N SER C 77 -20.15 36.17 41.99
CA SER C 77 -20.23 37.62 41.82
C SER C 77 -20.67 38.40 43.05
N ILE C 78 -21.07 37.68 44.09
CA ILE C 78 -21.50 38.31 45.34
C ILE C 78 -20.35 38.64 46.29
N HIS C 79 -19.42 37.69 46.43
CA HIS C 79 -18.26 37.83 47.33
C HIS C 79 -17.27 38.89 46.88
N LEU C 80 -16.57 39.46 47.84
CA LEU C 80 -15.57 40.48 47.57
C LEU C 80 -14.32 39.75 47.07
N GLU C 81 -14.05 38.60 47.68
CA GLU C 81 -12.90 37.77 47.32
C GLU C 81 -13.32 36.70 46.27
N ALA C 82 -13.94 37.15 45.18
CA ALA C 82 -14.42 36.21 44.16
C ALA C 82 -13.31 35.45 43.43
N GLU C 83 -12.44 36.17 42.74
CA GLU C 83 -11.35 35.54 42.02
C GLU C 83 -10.52 34.67 42.95
N PRO C 84 -10.17 35.19 44.13
CA PRO C 84 -9.37 34.35 45.02
C PRO C 84 -10.13 33.07 45.41
N LEU C 85 -11.44 33.14 45.56
CA LEU C 85 -12.15 31.93 45.94
C LEU C 85 -12.08 30.92 44.79
N ALA C 86 -12.16 31.41 43.55
CA ALA C 86 -12.12 30.53 42.38
C ALA C 86 -10.77 29.79 42.31
N TRP C 87 -9.71 30.59 42.25
CA TRP C 87 -8.35 30.07 42.14
C TRP C 87 -7.92 29.14 43.28
N ARG C 88 -8.49 29.33 44.46
CA ARG C 88 -8.14 28.51 45.59
C ARG C 88 -8.69 27.12 45.32
N GLN C 89 -9.84 27.04 44.68
CA GLN C 89 -10.43 25.73 44.41
C GLN C 89 -9.73 25.06 43.24
N ILE C 90 -9.31 25.85 42.28
CA ILE C 90 -8.59 25.31 41.14
C ILE C 90 -7.28 24.69 41.63
N GLU C 91 -6.51 25.47 42.38
CA GLU C 91 -5.23 25.03 42.90
C GLU C 91 -5.44 23.73 43.68
N GLN C 92 -6.57 23.65 44.36
CA GLN C 92 -6.88 22.47 45.14
C GLN C 92 -6.99 21.27 44.21
N ASP C 93 -7.68 21.43 43.09
CA ASP C 93 -7.82 20.33 42.18
C ASP C 93 -6.47 19.99 41.60
N LEU C 94 -5.71 21.01 41.21
CA LEU C 94 -4.37 20.77 40.68
C LEU C 94 -3.54 20.04 41.75
N GLN C 95 -4.04 20.00 42.97
CA GLN C 95 -3.32 19.34 44.05
C GLN C 95 -3.99 18.06 44.52
N ARG C 96 -5.11 17.68 43.92
CA ARG C 96 -5.76 16.45 44.35
C ARG C 96 -4.85 15.28 43.98
N SER C 97 -4.86 14.23 44.77
CA SER C 97 -4.03 13.07 44.44
C SER C 97 -4.77 12.27 43.39
N SER C 98 -4.24 12.28 42.17
CA SER C 98 -4.86 11.54 41.08
C SER C 98 -5.15 10.10 41.50
N THR C 99 -6.21 9.54 40.95
CA THR C 99 -6.57 8.15 41.25
C THR C 99 -7.28 7.59 40.05
N LEU C 100 -6.51 7.01 39.15
CA LEU C 100 -7.08 6.46 37.94
C LEU C 100 -7.93 5.24 38.21
N ILE C 101 -7.95 4.75 39.45
CA ILE C 101 -8.75 3.57 39.73
C ILE C 101 -10.20 3.88 40.08
N ASP C 102 -11.11 3.25 39.34
CA ASP C 102 -12.55 3.40 39.53
C ASP C 102 -12.91 4.82 39.92
N ALA C 103 -12.47 5.80 39.13
CA ALA C 103 -12.75 7.18 39.44
C ALA C 103 -12.86 8.05 38.20
N PRO C 104 -13.56 9.19 38.31
CA PRO C 104 -13.69 10.06 37.15
C PRO C 104 -12.33 10.63 36.78
N ILE C 105 -12.03 10.71 35.49
CA ILE C 105 -10.73 11.20 35.03
C ILE C 105 -10.72 12.68 34.67
N THR C 106 -11.89 13.30 34.58
CA THR C 106 -11.89 14.72 34.24
C THR C 106 -12.63 15.52 35.29
N SER C 107 -12.46 16.83 35.25
CA SER C 107 -13.12 17.74 36.17
C SER C 107 -13.49 18.95 35.36
N HIS C 108 -14.67 19.52 35.64
CA HIS C 108 -15.10 20.72 34.91
C HIS C 108 -15.74 21.71 35.89
N GLN C 109 -15.11 22.88 36.02
CA GLN C 109 -15.59 23.88 36.95
C GLN C 109 -15.78 25.20 36.23
N VAL C 110 -16.92 25.84 36.47
CA VAL C 110 -17.17 27.16 35.87
C VAL C 110 -17.38 28.14 36.99
N TYR C 111 -16.86 29.35 36.83
CA TYR C 111 -17.03 30.36 37.86
C TYR C 111 -17.54 31.67 37.28
N ARG C 112 -18.64 32.16 37.84
CA ARG C 112 -19.14 33.46 37.41
C ARG C 112 -18.53 34.42 38.46
N LEU C 113 -17.54 35.19 38.04
CA LEU C 113 -16.88 36.13 38.94
C LEU C 113 -17.63 37.44 39.02
N SER C 114 -18.16 37.89 37.89
CA SER C 114 -18.92 39.13 37.82
C SER C 114 -19.70 39.05 36.50
N HIS C 115 -20.69 39.92 36.31
CA HIS C 115 -21.47 39.86 35.08
C HIS C 115 -20.60 39.79 33.84
N SER C 116 -19.39 40.35 33.91
CA SER C 116 -18.52 40.31 32.74
C SER C 116 -17.24 39.51 32.90
N GLU C 117 -17.19 38.66 33.92
CA GLU C 117 -16.01 37.86 34.10
C GLU C 117 -16.36 36.40 34.39
N HIS C 118 -15.81 35.50 33.59
CA HIS C 118 -16.03 34.07 33.84
C HIS C 118 -14.74 33.30 33.72
N LEU C 119 -14.60 32.26 34.53
CA LEU C 119 -13.42 31.43 34.53
C LEU C 119 -13.82 29.98 34.36
N ILE C 120 -13.27 29.35 33.34
CA ILE C 120 -13.56 27.95 33.06
C ILE C 120 -12.31 27.12 33.31
N TYR C 121 -12.46 26.07 34.10
CA TYR C 121 -11.35 25.19 34.39
C TYR C 121 -11.69 23.80 33.89
N THR C 122 -10.79 23.27 33.06
CA THR C 122 -10.95 21.94 32.49
C THR C 122 -9.72 21.08 32.82
N ARG C 123 -9.92 19.96 33.48
CA ARG C 123 -8.80 19.08 33.83
C ARG C 123 -9.02 17.63 33.40
N ALA C 124 -8.00 17.05 32.80
CA ALA C 124 -8.04 15.67 32.36
C ALA C 124 -6.67 15.06 32.57
N HIS C 125 -6.62 13.74 32.70
CA HIS C 125 -5.34 13.05 32.84
C HIS C 125 -4.87 12.82 31.41
N HIS C 126 -3.57 12.86 31.18
CA HIS C 126 -3.06 12.67 29.83
C HIS C 126 -3.47 11.33 29.18
N ILE C 127 -3.81 10.33 30.01
CA ILE C 127 -4.21 9.04 29.46
C ILE C 127 -5.53 9.04 28.66
N VAL C 128 -6.28 10.13 28.70
CA VAL C 128 -7.52 10.21 27.93
C VAL C 128 -7.55 11.44 27.06
N LEU C 129 -6.52 12.29 27.17
CA LEU C 129 -6.54 13.51 26.39
C LEU C 129 -5.18 14.13 26.11
N ASP C 130 -4.96 14.49 24.84
CA ASP C 130 -3.72 15.14 24.47
C ASP C 130 -3.96 16.59 24.04
N GLY C 131 -2.92 17.18 23.47
CA GLY C 131 -3.01 18.56 23.07
C GLY C 131 -4.13 18.83 22.11
N TYR C 132 -4.07 18.14 20.99
CA TYR C 132 -5.04 18.28 19.92
C TYR C 132 -6.44 18.07 20.49
N GLY C 133 -6.56 17.08 21.36
CA GLY C 133 -7.84 16.79 21.97
C GLY C 133 -8.40 17.96 22.75
N MET C 134 -7.54 18.61 23.53
CA MET C 134 -7.95 19.74 24.34
C MET C 134 -8.50 20.83 23.46
N MET C 135 -7.83 21.10 22.34
CA MET C 135 -8.30 22.14 21.45
C MET C 135 -9.63 21.75 20.82
N LEU C 136 -9.83 20.47 20.50
CA LEU C 136 -11.10 20.07 19.91
C LEU C 136 -12.18 20.40 20.92
N PHE C 137 -11.89 20.14 22.21
CA PHE C 137 -12.82 20.41 23.30
C PHE C 137 -13.16 21.90 23.41
N GLU C 138 -12.13 22.75 23.30
CA GLU C 138 -12.32 24.20 23.41
C GLU C 138 -13.11 24.73 22.22
N GLN C 139 -12.75 24.27 21.02
CA GLN C 139 -13.43 24.72 19.81
C GLN C 139 -14.89 24.30 19.84
N ARG C 140 -15.12 23.06 20.27
CA ARG C 140 -16.48 22.52 20.34
C ARG C 140 -17.27 23.37 21.30
N LEU C 141 -16.66 23.72 22.44
CA LEU C 141 -17.31 24.55 23.44
C LEU C 141 -17.71 25.87 22.77
N SER C 142 -16.78 26.43 22.00
CA SER C 142 -17.06 27.67 21.31
C SER C 142 -18.23 27.51 20.34
N GLN C 143 -18.20 26.46 19.52
CA GLN C 143 -19.28 26.21 18.58
C GLN C 143 -20.64 26.17 19.26
N HIS C 144 -20.77 25.32 20.26
CA HIS C 144 -22.04 25.23 20.95
C HIS C 144 -22.50 26.55 21.53
N TYR C 145 -21.61 27.30 22.19
CA TYR C 145 -22.05 28.57 22.75
C TYR C 145 -22.56 29.51 21.67
N GLN C 146 -21.89 29.54 20.52
CA GLN C 146 -22.30 30.40 19.42
C GLN C 146 -23.66 29.94 18.85
N SER C 147 -23.86 28.63 18.72
CA SER C 147 -25.13 28.10 18.20
C SER C 147 -26.27 28.48 19.11
N LEU C 148 -26.10 28.27 20.40
CA LEU C 148 -27.14 28.60 21.36
C LEU C 148 -27.44 30.11 21.37
N LEU C 149 -26.42 30.94 21.27
CA LEU C 149 -26.64 32.37 21.33
C LEU C 149 -27.46 32.87 20.14
N SER C 150 -27.20 32.33 18.96
CA SER C 150 -27.90 32.77 17.76
C SER C 150 -29.14 31.93 17.45
N GLY C 151 -29.36 30.88 18.22
CA GLY C 151 -30.52 30.05 17.96
C GLY C 151 -30.21 28.92 16.97
N GLN C 152 -29.31 29.17 16.02
CA GLN C 152 -28.95 28.14 15.03
C GLN C 152 -28.70 26.73 15.59
N THR C 153 -28.76 25.74 14.70
CA THR C 153 -28.52 24.36 15.11
C THR C 153 -27.01 24.13 15.06
N PRO C 154 -26.50 23.38 16.03
CA PRO C 154 -25.06 23.13 16.05
C PRO C 154 -24.61 22.19 14.94
N THR C 155 -23.36 22.31 14.54
CA THR C 155 -22.85 21.43 13.51
C THR C 155 -22.68 20.06 14.14
N ALA C 156 -22.29 19.07 13.35
CA ALA C 156 -22.18 17.71 13.88
C ALA C 156 -21.33 17.51 15.14
N ALA C 157 -21.78 16.59 15.98
CA ALA C 157 -21.13 16.23 17.21
C ALA C 157 -19.94 15.30 16.99
N PHE C 158 -19.09 15.21 18.01
CA PHE C 158 -17.94 14.34 17.92
C PHE C 158 -18.42 12.90 17.66
N LYS C 159 -17.68 12.18 16.84
CA LYS C 159 -17.98 10.80 16.55
C LYS C 159 -17.79 10.02 17.85
N PRO C 160 -18.31 8.81 17.91
CA PRO C 160 -18.10 8.12 19.19
C PRO C 160 -16.70 7.51 19.26
N TYR C 161 -16.18 7.40 20.47
CA TYR C 161 -14.84 6.86 20.65
C TYR C 161 -14.72 5.46 20.08
N GLN C 162 -15.82 4.72 20.13
CA GLN C 162 -15.88 3.35 19.63
C GLN C 162 -15.40 3.28 18.17
N SER C 163 -15.76 4.30 17.39
CA SER C 163 -15.35 4.38 15.99
C SER C 163 -13.83 4.43 15.87
N TYR C 164 -13.18 5.20 16.75
CA TYR C 164 -11.73 5.27 16.73
C TYR C 164 -11.18 3.89 17.11
N LEU C 165 -11.65 3.35 18.23
CA LEU C 165 -11.16 2.04 18.65
C LEU C 165 -11.17 1.08 17.47
N GLU C 166 -12.28 1.08 16.74
CA GLU C 166 -12.43 0.20 15.59
C GLU C 166 -11.42 0.47 14.48
N GLU C 167 -11.28 1.74 14.12
CA GLU C 167 -10.33 2.13 13.09
C GLU C 167 -8.91 1.74 13.52
N GLU C 168 -8.59 1.99 14.77
CA GLU C 168 -7.28 1.66 15.27
C GLU C 168 -7.07 0.15 15.15
N ALA C 169 -8.06 -0.63 15.62
CA ALA C 169 -8.02 -2.09 15.58
C ALA C 169 -7.77 -2.62 14.17
N ALA C 170 -8.36 -1.95 13.18
CA ALA C 170 -8.19 -2.38 11.81
C ALA C 170 -6.77 -2.10 11.33
N TYR C 171 -6.23 -0.94 11.69
CA TYR C 171 -4.88 -0.58 11.29
C TYR C 171 -3.88 -1.57 11.86
N LEU C 172 -4.10 -1.97 13.10
CA LEU C 172 -3.20 -2.92 13.77
C LEU C 172 -3.15 -4.27 13.06
N THR C 173 -4.17 -4.52 12.24
CA THR C 173 -4.37 -5.76 11.50
C THR C 173 -4.01 -5.67 10.01
N SER C 174 -3.83 -4.44 9.53
CA SER C 174 -3.54 -4.19 8.13
C SER C 174 -2.13 -4.46 7.67
N HIS C 175 -1.96 -4.42 6.34
CA HIS C 175 -0.64 -4.59 5.75
C HIS C 175 0.21 -3.38 6.13
N ARG C 176 -0.41 -2.20 6.16
CA ARG C 176 0.28 -0.95 6.51
C ARG C 176 1.04 -1.14 7.82
N TYR C 177 0.37 -1.71 8.82
CA TYR C 177 1.03 -1.92 10.10
C TYR C 177 2.41 -2.56 9.86
N TRP C 178 2.46 -3.65 9.11
CA TRP C 178 3.75 -4.29 8.83
C TRP C 178 4.68 -3.44 7.95
N GLN C 179 4.11 -2.63 7.06
CA GLN C 179 4.92 -1.74 6.26
C GLN C 179 5.58 -0.73 7.21
N ASP C 180 4.80 -0.23 8.16
CA ASP C 180 5.28 0.74 9.14
C ASP C 180 6.33 0.07 10.02
N LYS C 181 6.14 -1.20 10.38
CA LYS C 181 7.12 -1.88 11.22
C LYS C 181 8.47 -1.99 10.53
N GLN C 182 8.44 -2.43 9.28
CA GLN C 182 9.69 -2.59 8.55
C GLN C 182 10.38 -1.24 8.46
N PHE C 183 9.62 -0.20 8.11
CA PHE C 183 10.19 1.13 7.98
C PHE C 183 10.99 1.57 9.23
N TRP C 184 10.34 1.64 10.38
CA TRP C 184 11.04 2.05 11.58
C TRP C 184 12.21 1.13 11.87
N GLN C 185 12.15 -0.07 11.33
CA GLN C 185 13.23 -1.03 11.55
C GLN C 185 14.44 -0.65 10.68
N GLY C 186 14.15 -0.19 9.47
CA GLY C 186 15.21 0.19 8.56
C GLY C 186 15.78 1.52 9.01
N TYR C 187 14.90 2.48 9.24
CA TYR C 187 15.30 3.81 9.69
C TYR C 187 16.28 3.74 10.86
N LEU C 188 15.97 2.93 11.86
CA LEU C 188 16.85 2.85 13.03
C LEU C 188 18.10 2.03 12.80
N ARG C 189 18.14 1.25 11.73
CA ARG C 189 19.32 0.45 11.45
C ARG C 189 20.36 1.38 10.79
N GLU C 190 19.91 2.19 9.84
CA GLU C 190 20.77 3.13 9.14
C GLU C 190 21.07 4.38 9.99
N ALA C 191 21.26 4.21 11.30
CA ALA C 191 21.50 5.39 12.10
C ALA C 191 22.06 5.19 13.51
N PRO C 192 22.57 6.28 14.12
CA PRO C 192 23.15 6.28 15.46
C PRO C 192 22.15 5.76 16.50
N ASP C 193 22.66 5.18 17.57
CA ASP C 193 21.81 4.68 18.63
C ASP C 193 20.95 5.81 19.17
N LEU C 194 19.76 5.48 19.65
CA LEU C 194 18.87 6.47 20.26
C LEU C 194 19.22 6.38 21.73
N THR C 195 18.93 7.42 22.51
CA THR C 195 19.25 7.37 23.93
C THR C 195 18.15 6.76 24.78
N LEU C 196 18.56 6.04 25.81
CA LEU C 196 17.62 5.39 26.72
C LEU C 196 17.52 6.19 28.01
N THR C 197 16.34 6.23 28.58
CA THR C 197 16.10 6.94 29.81
C THR C 197 17.09 6.40 30.85
N SER C 198 17.82 7.28 31.54
CA SER C 198 18.75 6.84 32.56
C SER C 198 18.00 5.87 33.46
N ALA C 199 18.68 4.88 34.01
CA ALA C 199 18.01 3.94 34.86
C ALA C 199 17.80 4.51 36.25
N THR C 200 18.48 5.61 36.57
CA THR C 200 18.30 6.21 37.89
C THR C 200 17.33 7.38 37.92
N TYR C 201 16.72 7.68 36.78
CA TYR C 201 15.76 8.77 36.70
C TYR C 201 14.48 8.52 37.47
N ASP C 202 14.16 9.41 38.40
CA ASP C 202 12.95 9.29 39.20
C ASP C 202 12.01 10.40 38.74
N PRO C 203 10.95 10.04 38.02
CA PRO C 203 9.96 10.99 37.50
C PRO C 203 9.51 12.07 38.49
N GLN C 204 9.35 11.72 39.77
CA GLN C 204 8.89 12.71 40.72
C GLN C 204 9.91 13.77 41.10
N LEU C 205 11.19 13.43 41.03
CA LEU C 205 12.21 14.39 41.38
C LEU C 205 12.43 15.45 40.32
N SER C 206 11.56 15.44 39.31
CA SER C 206 11.59 16.42 38.22
C SER C 206 11.71 17.81 38.82
N HIS C 207 12.31 18.73 38.08
CA HIS C 207 12.52 20.10 38.52
C HIS C 207 12.64 20.94 37.25
N ALA C 208 11.49 21.39 36.74
CA ALA C 208 11.44 22.16 35.50
C ALA C 208 11.71 23.64 35.61
N VAL C 209 12.55 24.13 34.70
CA VAL C 209 12.91 25.53 34.59
C VAL C 209 12.51 25.94 33.18
N SER C 210 11.99 27.15 33.04
CA SER C 210 11.52 27.60 31.73
C SER C 210 11.84 29.03 31.39
N LEU C 211 11.52 29.41 30.17
CA LEU C 211 11.76 30.76 29.72
C LEU C 211 11.20 30.96 28.32
N SER C 212 10.45 32.04 28.13
CA SER C 212 9.86 32.38 26.85
C SER C 212 10.73 33.34 26.06
N TYR C 213 10.36 33.56 24.80
CA TYR C 213 11.09 34.46 23.90
C TYR C 213 10.26 34.70 22.65
N THR C 214 9.54 35.81 22.63
CA THR C 214 8.70 36.12 21.48
C THR C 214 9.57 36.46 20.28
N LEU C 215 9.17 35.98 19.10
CA LEU C 215 9.91 36.23 17.87
C LEU C 215 9.35 37.51 17.23
N ASN C 216 10.23 38.40 16.83
CA ASN C 216 9.78 39.63 16.23
C ASN C 216 8.99 39.32 14.96
N SER C 217 8.08 40.22 14.63
CA SER C 217 7.24 40.07 13.46
C SER C 217 8.00 39.73 12.18
N GLN C 218 9.13 40.40 11.98
CA GLN C 218 9.93 40.17 10.78
C GLN C 218 10.34 38.71 10.60
N LEU C 219 10.54 37.99 11.70
CA LEU C 219 10.91 36.58 11.61
C LEU C 219 9.67 35.77 11.19
N ASN C 220 8.57 35.96 11.92
CA ASN C 220 7.32 35.27 11.62
C ASN C 220 6.98 35.39 10.13
N HIS C 221 7.18 36.57 9.58
CA HIS C 221 6.90 36.79 8.17
C HIS C 221 7.89 35.92 7.40
N LEU C 222 9.16 35.97 7.81
CA LEU C 222 10.20 35.18 7.17
C LEU C 222 9.87 33.68 7.24
N LEU C 223 9.43 33.22 8.41
CA LEU C 223 9.08 31.81 8.57
C LEU C 223 8.05 31.46 7.49
N LEU C 224 6.97 32.23 7.42
CA LEU C 224 5.93 32.00 6.42
C LEU C 224 6.47 32.07 4.99
N LYS C 225 7.25 33.10 4.69
CA LYS C 225 7.79 33.24 3.35
C LYS C 225 8.66 32.05 3.02
N LEU C 226 9.41 31.55 4.01
CA LEU C 226 10.26 30.39 3.77
C LEU C 226 9.46 29.12 3.55
N ALA C 227 8.44 28.91 4.38
CA ALA C 227 7.60 27.74 4.25
C ALA C 227 6.94 27.70 2.88
N ASN C 228 6.24 28.79 2.54
CA ASN C 228 5.54 28.89 1.26
C ASN C 228 6.49 28.55 0.15
N ALA C 229 7.67 29.14 0.20
CA ALA C 229 8.69 28.95 -0.81
C ALA C 229 9.08 27.48 -1.00
N ASN C 230 9.17 26.72 0.07
CA ASN C 230 9.54 25.32 -0.08
C ASN C 230 8.31 24.39 -0.15
N GLN C 231 7.16 25.01 -0.36
CA GLN C 231 5.88 24.30 -0.47
C GLN C 231 5.63 23.36 0.71
N ILE C 232 5.97 23.81 1.91
CA ILE C 232 5.77 23.03 3.14
C ILE C 232 5.07 23.92 4.17
N GLY C 233 4.46 23.29 5.17
CA GLY C 233 3.78 24.03 6.22
C GLY C 233 4.78 24.68 7.15
N TRP C 234 4.42 25.84 7.71
CA TRP C 234 5.35 26.52 8.60
C TRP C 234 5.85 25.71 9.79
N PRO C 235 5.02 24.81 10.33
CA PRO C 235 5.48 24.01 11.47
C PRO C 235 6.69 23.15 11.08
N ASP C 236 6.63 22.55 9.90
CA ASP C 236 7.74 21.75 9.45
C ASP C 236 8.93 22.65 9.13
N ALA C 237 8.65 23.84 8.64
CA ALA C 237 9.68 24.83 8.33
C ALA C 237 10.40 25.16 9.64
N LEU C 238 9.60 25.40 10.67
CA LEU C 238 10.10 25.71 11.98
C LEU C 238 10.87 24.49 12.51
N VAL C 239 10.38 23.29 12.26
CA VAL C 239 11.09 22.12 12.72
C VAL C 239 12.45 22.05 12.05
N ALA C 240 12.49 22.33 10.76
CA ALA C 240 13.75 22.31 10.03
C ALA C 240 14.74 23.30 10.63
N LEU C 241 14.30 24.54 10.80
CA LEU C 241 15.15 25.57 11.35
C LEU C 241 15.73 25.17 12.70
N CYS C 242 14.98 24.36 13.46
CA CYS C 242 15.47 23.93 14.76
C CYS C 242 16.52 22.87 14.52
N ALA C 243 16.25 22.01 13.54
CA ALA C 243 17.16 20.93 13.20
C ALA C 243 18.49 21.56 12.89
N LEU C 244 18.44 22.61 12.08
CA LEU C 244 19.62 23.36 11.67
C LEU C 244 20.31 24.03 12.89
N TYR C 245 19.52 24.70 13.73
CA TYR C 245 20.08 25.34 14.91
C TYR C 245 20.81 24.34 15.79
N LEU C 246 20.24 23.15 15.92
CA LEU C 246 20.82 22.10 16.73
C LEU C 246 22.13 21.59 16.17
N GLU C 247 22.26 21.61 14.84
CA GLU C 247 23.48 21.13 14.17
C GLU C 247 24.72 21.81 14.76
N SER C 248 24.59 23.06 15.17
CA SER C 248 25.72 23.78 15.74
C SER C 248 25.63 23.88 17.27
N ALA C 249 24.42 24.09 17.77
CA ALA C 249 24.19 24.23 19.21
C ALA C 249 24.32 22.93 20.00
N GLU C 250 24.11 21.79 19.34
CA GLU C 250 24.19 20.52 20.05
C GLU C 250 24.53 19.36 19.08
N PRO C 251 25.65 19.48 18.36
CA PRO C 251 26.15 18.50 17.39
C PRO C 251 26.35 17.05 17.86
N ASP C 252 26.45 16.83 19.16
CA ASP C 252 26.64 15.48 19.69
C ASP C 252 25.31 14.79 20.00
N ALA C 253 24.28 15.16 19.24
CA ALA C 253 22.95 14.60 19.40
C ALA C 253 22.39 14.50 17.98
N PRO C 254 22.36 13.30 17.41
CA PRO C 254 21.82 13.24 16.04
C PRO C 254 20.31 13.30 15.90
N TRP C 255 19.59 12.83 16.90
CA TRP C 255 18.12 12.83 16.81
C TRP C 255 17.41 14.05 17.38
N LEU C 256 16.20 14.29 16.87
CA LEU C 256 15.35 15.40 17.30
C LEU C 256 13.90 14.81 17.43
N TRP C 257 13.34 14.75 18.64
CA TRP C 257 12.01 14.18 18.81
C TRP C 257 10.81 15.09 18.50
N LEU C 258 9.87 14.54 17.73
CA LEU C 258 8.66 15.23 17.26
C LEU C 258 7.36 14.55 17.63
N PRO C 259 6.28 15.32 17.75
CA PRO C 259 4.99 14.72 18.09
C PRO C 259 4.16 14.60 16.80
N PHE C 260 3.58 13.44 16.56
CA PHE C 260 2.73 13.26 15.38
C PHE C 260 1.32 13.08 15.90
N MET C 261 0.49 14.05 15.57
CA MET C 261 -0.91 14.11 16.00
C MET C 261 -1.74 12.85 15.78
N ASN C 262 -1.63 12.27 14.59
CA ASN C 262 -2.40 11.09 14.23
C ASN C 262 -3.85 11.49 14.18
N ARG C 263 -4.14 12.65 13.61
CA ARG C 263 -5.50 13.14 13.53
C ARG C 263 -5.95 13.20 12.10
N TRP C 264 -5.13 13.88 11.28
CA TRP C 264 -5.48 14.02 9.88
C TRP C 264 -5.78 12.67 9.21
N GLY C 265 -6.82 12.66 8.38
CA GLY C 265 -7.23 11.46 7.68
C GLY C 265 -7.88 10.37 8.53
N SER C 266 -8.05 10.60 9.82
CA SER C 266 -8.64 9.59 10.70
C SER C 266 -9.88 10.09 11.44
N VAL C 267 -10.72 9.18 11.93
CA VAL C 267 -11.89 9.62 12.69
C VAL C 267 -11.38 10.37 13.91
N ALA C 268 -10.15 10.07 14.31
CA ALA C 268 -9.57 10.76 15.47
C ALA C 268 -9.68 12.26 15.32
N ALA C 269 -9.79 12.76 14.09
CA ALA C 269 -9.92 14.20 13.88
C ALA C 269 -11.24 14.71 14.46
N ASN C 270 -12.16 13.80 14.76
CA ASN C 270 -13.48 14.14 15.29
C ASN C 270 -13.76 13.37 16.56
N VAL C 271 -12.70 12.95 17.24
CA VAL C 271 -12.84 12.21 18.49
C VAL C 271 -11.79 12.66 19.48
N PRO C 272 -12.19 13.45 20.47
CA PRO C 272 -11.19 13.88 21.45
C PRO C 272 -10.63 12.65 22.17
N GLY C 273 -9.35 12.71 22.54
CA GLY C 273 -8.72 11.60 23.26
C GLY C 273 -7.20 11.63 23.12
N LEU C 274 -6.56 10.51 23.40
CA LEU C 274 -5.11 10.39 23.32
C LEU C 274 -4.59 9.71 22.05
N MET C 275 -4.00 10.46 21.12
CA MET C 275 -3.49 9.84 19.90
C MET C 275 -2.08 10.28 19.45
N VAL C 276 -1.56 11.33 20.07
CA VAL C 276 -0.27 11.87 19.71
C VAL C 276 0.81 10.80 19.90
N ASN C 277 1.74 10.75 18.95
CA ASN C 277 2.83 9.77 18.97
C ASN C 277 4.16 10.53 18.85
N SER C 278 5.10 10.23 19.74
CA SER C 278 6.42 10.88 19.71
C SER C 278 7.37 10.01 18.92
N LEU C 279 7.91 10.56 17.84
CA LEU C 279 8.80 9.81 16.96
C LEU C 279 10.12 10.56 16.76
N PRO C 280 11.24 9.81 16.63
CA PRO C 280 12.54 10.45 16.42
C PRO C 280 12.86 10.78 14.97
N LEU C 281 13.26 12.03 14.74
CA LEU C 281 13.67 12.51 13.43
C LEU C 281 15.21 12.59 13.40
N LEU C 282 15.85 11.94 12.42
CA LEU C 282 17.31 11.99 12.31
C LEU C 282 17.66 13.28 11.58
N ARG C 283 18.45 14.13 12.24
CA ARG C 283 18.82 15.42 11.67
C ARG C 283 19.63 15.31 10.41
N LEU C 284 19.29 16.10 9.39
CA LEU C 284 20.06 16.09 8.15
C LEU C 284 21.25 17.02 8.36
N SER C 285 22.39 16.68 7.75
CA SER C 285 23.58 17.50 7.89
C SER C 285 23.44 18.82 7.13
N ALA C 286 23.98 19.90 7.70
CA ALA C 286 23.90 21.20 7.07
C ALA C 286 25.08 21.44 6.13
N GLN C 287 26.03 20.52 6.15
CA GLN C 287 27.20 20.63 5.28
C GLN C 287 26.78 20.45 3.82
N GLN C 288 27.52 21.06 2.90
CA GLN C 288 27.25 20.93 1.47
C GLN C 288 25.79 21.06 1.06
N THR C 289 25.08 22.09 1.53
CA THR C 289 23.67 22.24 1.16
C THR C 289 23.20 23.68 1.29
N SER C 290 22.30 24.09 0.42
CA SER C 290 21.77 25.44 0.50
C SER C 290 20.67 25.42 1.56
N LEU C 291 20.35 26.59 2.09
CA LEU C 291 19.30 26.67 3.09
C LEU C 291 18.04 26.07 2.50
N GLY C 292 17.74 26.49 1.27
CA GLY C 292 16.56 26.03 0.59
C GLY C 292 16.54 24.52 0.49
N ASN C 293 17.65 23.94 0.08
CA ASN C 293 17.72 22.49 -0.06
C ASN C 293 17.51 21.80 1.30
N TYR C 294 17.98 22.46 2.36
CA TYR C 294 17.88 21.92 3.72
C TYR C 294 16.43 21.87 4.17
N LEU C 295 15.71 22.96 3.89
CA LEU C 295 14.32 23.05 4.26
C LEU C 295 13.49 22.01 3.51
N LYS C 296 13.62 21.98 2.20
CA LYS C 296 12.87 21.04 1.39
C LYS C 296 13.14 19.58 1.76
N GLN C 297 14.40 19.21 1.84
CA GLN C 297 14.75 17.84 2.17
C GLN C 297 14.41 17.45 3.60
N SER C 298 14.29 18.44 4.49
CA SER C 298 13.90 18.15 5.87
C SER C 298 12.41 17.85 5.78
N GLY C 299 11.68 18.73 5.09
CA GLY C 299 10.26 18.55 4.93
C GLY C 299 9.93 17.20 4.33
N GLN C 300 10.71 16.78 3.33
CA GLN C 300 10.48 15.50 2.71
C GLN C 300 10.68 14.40 3.75
N ALA C 301 11.65 14.59 4.65
CA ALA C 301 11.96 13.62 5.71
C ALA C 301 10.86 13.58 6.76
N ILE C 302 10.45 14.76 7.23
CA ILE C 302 9.39 14.84 8.23
C ILE C 302 8.18 14.09 7.68
N ARG C 303 7.80 14.40 6.43
CA ARG C 303 6.67 13.77 5.75
C ARG C 303 6.82 12.24 5.72
N SER C 304 8.04 11.77 5.57
CA SER C 304 8.27 10.34 5.53
C SER C 304 7.92 9.77 6.89
N LEU C 305 8.28 10.49 7.94
CA LEU C 305 7.96 10.06 9.29
C LEU C 305 6.44 10.14 9.49
N TYR C 306 5.82 11.17 8.92
CA TYR C 306 4.38 11.32 9.03
C TYR C 306 3.67 10.03 8.58
N LEU C 307 3.89 9.65 7.33
CA LEU C 307 3.32 8.44 6.72
C LEU C 307 3.39 7.18 7.58
N HIS C 308 4.46 7.00 8.35
CA HIS C 308 4.57 5.81 9.18
C HIS C 308 4.29 6.19 10.62
N GLY C 309 3.78 7.40 10.81
CA GLY C 309 3.52 7.92 12.13
C GLY C 309 2.50 7.22 13.01
N ARG C 310 1.63 6.44 12.41
CA ARG C 310 0.62 5.76 13.19
C ARG C 310 1.22 4.61 13.94
N TYR C 311 2.46 4.24 13.61
CA TYR C 311 3.11 3.13 14.29
C TYR C 311 3.57 3.63 15.69
N ARG C 312 3.13 2.94 16.73
CA ARG C 312 3.45 3.36 18.08
C ARG C 312 4.89 3.27 18.55
N ILE C 313 5.35 4.38 19.11
CA ILE C 313 6.71 4.44 19.63
C ILE C 313 6.93 3.34 20.65
N GLU C 314 5.93 3.05 21.48
CA GLU C 314 6.09 2.00 22.48
C GLU C 314 6.32 0.66 21.76
N GLN C 315 5.70 0.50 20.58
CA GLN C 315 5.84 -0.71 19.80
C GLN C 315 7.27 -0.76 19.27
N ILE C 316 7.73 0.39 18.77
CA ILE C 316 9.07 0.48 18.25
C ILE C 316 10.07 0.08 19.35
N GLU C 317 9.88 0.57 20.58
CA GLU C 317 10.80 0.23 21.66
C GLU C 317 10.87 -1.29 21.82
N GLN C 318 9.74 -1.95 21.62
CA GLN C 318 9.75 -3.38 21.78
C GLN C 318 10.47 -3.99 20.61
N ASP C 319 10.12 -3.55 19.41
CA ASP C 319 10.76 -4.07 18.22
C ASP C 319 12.27 -3.96 18.30
N GLN C 320 12.75 -2.89 18.92
CA GLN C 320 14.18 -2.65 19.04
C GLN C 320 14.79 -3.27 20.27
N GLY C 321 14.11 -4.26 20.82
CA GLY C 321 14.66 -4.95 21.97
C GLY C 321 14.75 -4.31 23.34
N LEU C 322 14.06 -3.20 23.61
CA LEU C 322 14.13 -2.67 24.97
C LEU C 322 13.27 -3.60 25.82
N ASN C 323 13.49 -3.61 27.13
CA ASN C 323 12.69 -4.47 27.98
C ASN C 323 11.59 -3.66 28.63
N ALA C 324 10.72 -4.33 29.36
CA ALA C 324 9.59 -3.71 30.03
C ALA C 324 9.95 -2.52 30.94
N GLU C 325 11.19 -2.46 31.42
CA GLU C 325 11.58 -1.38 32.31
C GLU C 325 12.41 -0.29 31.64
N GLN C 326 12.51 -0.33 30.33
CA GLN C 326 13.28 0.67 29.60
C GLN C 326 12.42 1.54 28.69
N SER C 327 13.01 2.62 28.19
CA SER C 327 12.30 3.52 27.29
C SER C 327 13.28 4.49 26.67
N TYR C 328 12.86 5.16 25.61
CA TYR C 328 13.70 6.13 24.93
C TYR C 328 13.70 7.47 25.67
N PHE C 329 14.84 8.16 25.62
CA PHE C 329 14.96 9.47 26.24
C PHE C 329 14.57 10.35 25.08
N MET C 330 13.36 10.91 25.12
CA MET C 330 12.92 11.72 23.99
C MET C 330 13.32 13.18 24.09
N SER C 331 14.61 13.43 23.92
CA SER C 331 15.17 14.77 24.00
C SER C 331 16.36 14.87 23.04
N PRO C 332 16.52 16.03 22.39
CA PRO C 332 15.65 17.20 22.51
C PRO C 332 14.28 16.92 21.92
N PHE C 333 13.32 17.79 22.22
CA PHE C 333 11.94 17.63 21.74
C PHE C 333 11.41 18.98 21.27
N ILE C 334 10.81 19.02 20.09
CA ILE C 334 10.24 20.27 19.63
C ILE C 334 8.76 20.02 19.41
N ASN C 335 7.98 20.72 20.21
CA ASN C 335 6.54 20.62 20.22
C ASN C 335 5.96 21.92 19.69
N ILE C 336 5.15 21.84 18.64
CA ILE C 336 4.52 23.04 18.07
C ILE C 336 3.03 22.99 18.28
N LEU C 337 2.48 24.05 18.86
CA LEU C 337 1.05 24.14 19.13
C LEU C 337 0.56 25.44 18.50
N PRO C 338 -0.01 25.33 17.30
CA PRO C 338 -0.52 26.45 16.51
C PRO C 338 -1.91 26.97 16.90
N PHE C 339 -2.75 26.10 17.41
CA PHE C 339 -4.10 26.43 17.81
C PHE C 339 -4.31 27.77 18.53
N GLU C 340 -5.40 28.45 18.19
CA GLU C 340 -5.75 29.70 18.84
C GLU C 340 -6.76 29.38 19.94
N SER C 341 -6.91 30.27 20.90
CA SER C 341 -7.85 30.05 21.99
C SER C 341 -9.27 30.09 21.45
N PRO C 342 -10.22 29.44 22.15
CA PRO C 342 -11.60 29.47 21.67
C PRO C 342 -12.20 30.88 21.81
N HIS C 343 -13.09 31.25 20.89
CA HIS C 343 -13.70 32.58 20.92
C HIS C 343 -15.17 32.59 21.29
N PHE C 344 -15.59 33.67 21.94
CA PHE C 344 -16.97 33.89 22.35
C PHE C 344 -17.31 35.35 22.07
N ALA C 345 -18.48 35.58 21.51
CA ALA C 345 -18.96 36.92 21.15
C ALA C 345 -18.86 37.96 22.26
N ASP C 346 -18.38 39.15 21.89
CA ASP C 346 -18.25 40.26 22.84
C ASP C 346 -17.28 39.94 23.97
N CYS C 347 -16.40 38.97 23.76
CA CYS C 347 -15.50 38.58 24.82
C CYS C 347 -14.04 38.43 24.43
N GLN C 348 -13.17 38.50 25.43
CA GLN C 348 -11.76 38.28 25.22
C GLN C 348 -11.49 36.99 25.96
N THR C 349 -10.61 36.18 25.41
CA THR C 349 -10.30 34.90 26.02
C THR C 349 -8.86 34.84 26.49
N GLU C 350 -8.65 34.44 27.75
CA GLU C 350 -7.30 34.29 28.27
C GLU C 350 -7.13 32.81 28.63
N LEU C 351 -6.34 32.11 27.82
CA LEU C 351 -6.08 30.69 28.01
C LEU C 351 -4.81 30.58 28.84
N LYS C 352 -4.82 29.72 29.83
CA LYS C 352 -3.64 29.53 30.64
C LYS C 352 -3.44 28.02 30.86
N VAL C 353 -2.28 27.51 30.46
CA VAL C 353 -1.95 26.09 30.62
C VAL C 353 -1.49 25.87 32.05
N LEU C 354 -2.36 25.30 32.88
CA LEU C 354 -2.07 25.07 34.28
C LEU C 354 -1.33 23.78 34.56
N ALA C 355 -1.38 22.85 33.61
CA ALA C 355 -0.67 21.58 33.80
C ALA C 355 -0.60 20.86 32.48
N SER C 356 0.54 20.24 32.23
CA SER C 356 0.74 19.49 31.00
C SER C 356 1.91 18.56 31.24
N GLY C 357 1.74 17.28 30.93
CA GLY C 357 2.80 16.32 31.15
C GLY C 357 3.67 16.70 32.32
N SER C 358 4.97 16.50 32.16
CA SER C 358 5.96 16.83 33.18
C SER C 358 7.28 16.90 32.41
N ALA C 359 8.11 17.86 32.75
CA ALA C 359 9.37 18.04 32.04
C ALA C 359 10.27 16.80 32.02
N GLU C 360 10.93 16.60 30.88
CA GLU C 360 11.88 15.51 30.69
C GLU C 360 12.86 16.02 29.62
N GLY C 361 14.15 16.06 29.95
CA GLY C 361 15.10 16.55 28.97
C GLY C 361 14.91 18.04 28.68
N ILE C 362 15.28 18.45 27.48
CA ILE C 362 15.16 19.82 27.09
C ILE C 362 14.06 19.87 26.03
N ASN C 363 13.16 20.84 26.17
CA ASN C 363 12.01 20.94 25.30
C ASN C 363 11.83 22.30 24.65
N PHE C 364 11.65 22.33 23.34
CA PHE C 364 11.42 23.57 22.61
C PHE C 364 9.95 23.60 22.17
N THR C 365 9.10 24.29 22.92
CA THR C 365 7.69 24.39 22.60
C THR C 365 7.33 25.73 21.95
N PHE C 366 6.74 25.68 20.77
CA PHE C 366 6.32 26.91 20.10
C PHE C 366 4.79 27.00 20.19
N ARG C 367 4.28 28.12 20.70
CA ARG C 367 2.84 28.30 20.79
C ARG C 367 2.49 29.56 20.02
N GLY C 368 1.46 29.47 19.19
CA GLY C 368 1.07 30.64 18.42
C GLY C 368 0.87 30.37 16.94
N SER C 369 1.19 31.38 16.15
CA SER C 369 1.06 31.32 14.70
C SER C 369 1.84 32.47 14.11
N PRO C 370 2.74 32.19 13.17
CA PRO C 370 3.58 33.20 12.50
C PRO C 370 2.83 34.41 11.93
N GLN C 371 1.51 34.35 11.94
CA GLN C 371 0.72 35.45 11.42
C GLN C 371 0.35 36.42 12.53
N HIS C 372 0.33 35.89 13.75
CA HIS C 372 -0.02 36.63 14.96
C HIS C 372 1.21 36.81 15.85
N GLU C 373 1.24 36.05 16.94
CA GLU C 373 2.34 36.07 17.88
C GLU C 373 2.81 34.63 18.12
N LEU C 374 4.11 34.40 17.94
CA LEU C 374 4.70 33.09 18.15
C LEU C 374 5.81 33.19 19.20
N CYS C 375 5.59 32.55 20.35
CA CYS C 375 6.56 32.57 21.44
C CYS C 375 7.21 31.19 21.68
N LEU C 376 8.55 31.20 21.68
CA LEU C 376 9.39 30.03 21.88
C LEU C 376 9.64 29.78 23.36
N ASP C 377 9.32 28.59 23.84
CA ASP C 377 9.50 28.26 25.25
C ASP C 377 10.49 27.14 25.53
N ILE C 378 11.68 27.53 25.98
CA ILE C 378 12.74 26.59 26.29
C ILE C 378 12.53 26.05 27.71
N THR C 379 12.08 24.81 27.83
CA THR C 379 11.88 24.21 29.15
C THR C 379 12.84 23.03 29.36
N ALA C 380 13.36 22.91 30.58
CA ALA C 380 14.28 21.82 30.88
C ALA C 380 14.00 21.32 32.24
N ASP C 381 14.26 20.03 32.43
CA ASP C 381 14.10 19.38 33.72
C ASP C 381 15.50 19.07 34.23
N LEU C 382 15.99 19.90 35.14
CA LEU C 382 17.33 19.75 35.69
C LEU C 382 17.56 18.36 36.30
N ALA C 383 16.49 17.62 36.55
CA ALA C 383 16.63 16.28 37.10
C ALA C 383 17.05 15.28 36.00
N SER C 384 17.04 15.74 34.76
CA SER C 384 17.41 14.87 33.66
C SER C 384 18.08 15.62 32.54
N TYR C 385 18.49 16.87 32.79
CA TYR C 385 19.12 17.65 31.74
C TYR C 385 20.03 18.71 32.35
N PRO C 386 21.23 18.89 31.78
CA PRO C 386 22.27 19.84 32.20
C PRO C 386 21.84 21.29 32.28
N GLN C 387 21.63 21.75 33.50
CA GLN C 387 21.22 23.12 33.74
C GLN C 387 22.02 24.11 32.87
N SER C 388 23.33 23.95 32.83
CA SER C 388 24.17 24.85 32.06
C SER C 388 23.83 24.81 30.58
N HIS C 389 23.55 23.62 30.07
CA HIS C 389 23.17 23.46 28.67
C HIS C 389 21.87 24.23 28.43
N TRP C 390 20.92 24.09 29.36
CA TRP C 390 19.65 24.78 29.24
C TRP C 390 19.86 26.29 29.07
N GLN C 391 20.61 26.89 30.00
CA GLN C 391 20.89 28.33 29.93
C GLN C 391 21.54 28.66 28.61
N SER C 392 22.48 27.83 28.19
CA SER C 392 23.17 28.09 26.96
C SER C 392 22.20 28.11 25.77
N HIS C 393 21.12 27.33 25.85
CA HIS C 393 20.13 27.28 24.76
C HIS C 393 19.30 28.55 24.76
N CYS C 394 19.00 29.07 25.95
CA CYS C 394 18.21 30.29 26.08
C CYS C 394 18.92 31.48 25.45
N GLU C 395 20.24 31.43 25.47
CA GLU C 395 21.03 32.50 24.90
C GLU C 395 21.15 32.37 23.39
N ARG C 396 21.65 31.22 22.94
CA ARG C 396 21.86 31.05 21.51
C ARG C 396 20.69 30.77 20.58
N PHE C 397 19.58 30.25 21.10
CA PHE C 397 18.47 29.97 20.19
C PHE C 397 17.87 31.30 19.70
N PRO C 398 17.60 32.25 20.62
CA PRO C 398 17.04 33.51 20.11
C PRO C 398 18.05 34.20 19.19
N ARG C 399 19.33 34.05 19.50
CA ARG C 399 20.37 34.65 18.66
C ARG C 399 20.34 34.00 17.27
N PHE C 400 20.07 32.69 17.23
CA PHE C 400 20.00 31.95 15.98
C PHE C 400 18.92 32.58 15.12
N PHE C 401 17.81 32.94 15.76
CA PHE C 401 16.71 33.56 15.02
C PHE C 401 17.06 34.97 14.62
N GLU C 402 17.83 35.66 15.46
CA GLU C 402 18.23 37.03 15.16
C GLU C 402 19.22 37.04 14.00
N GLN C 403 20.15 36.08 13.97
CA GLN C 403 21.10 36.02 12.87
C GLN C 403 20.38 35.68 11.57
N LEU C 404 19.29 34.93 11.68
CA LEU C 404 18.53 34.53 10.50
C LEU C 404 17.87 35.72 9.82
N LEU C 405 17.20 36.57 10.59
CA LEU C 405 16.56 37.77 10.05
C LEU C 405 17.66 38.63 9.43
N ALA C 406 18.78 38.70 10.15
CA ALA C 406 19.93 39.47 9.71
C ALA C 406 20.47 39.04 8.35
N ARG C 407 20.86 37.78 8.23
CA ARG C 407 21.37 37.29 6.95
C ARG C 407 20.34 37.59 5.86
N PHE C 408 19.08 37.70 6.26
CA PHE C 408 17.98 38.01 5.36
C PHE C 408 18.12 39.47 4.93
N GLN C 409 18.27 40.36 5.92
CA GLN C 409 18.44 41.80 5.68
C GLN C 409 19.59 41.97 4.70
N GLN C 410 20.60 41.11 4.84
CA GLN C 410 21.80 41.12 4.02
C GLN C 410 21.58 41.11 2.51
N VAL C 411 20.63 40.31 2.02
CA VAL C 411 20.39 40.30 0.58
C VAL C 411 19.04 40.89 0.19
N GLU C 412 18.88 42.17 0.50
CA GLU C 412 17.68 42.92 0.19
C GLU C 412 16.38 42.18 0.46
N GLN C 413 16.34 41.41 1.56
CA GLN C 413 15.14 40.66 1.92
C GLN C 413 14.63 39.81 0.76
N ASP C 414 15.58 39.34 -0.07
CA ASP C 414 15.28 38.50 -1.22
C ASP C 414 15.23 37.02 -0.85
N VAL C 415 14.02 36.48 -0.75
CA VAL C 415 13.84 35.08 -0.39
C VAL C 415 14.65 34.07 -1.22
N ALA C 416 14.65 34.25 -2.55
CA ALA C 416 15.41 33.34 -3.39
C ALA C 416 16.87 33.40 -2.96
N ARG C 417 17.32 34.62 -2.74
CA ARG C 417 18.70 34.88 -2.33
C ARG C 417 19.04 34.13 -1.06
N LEU C 418 18.34 34.48 0.02
CA LEU C 418 18.57 33.87 1.32
C LEU C 418 18.57 32.34 1.25
N LEU C 419 17.78 31.79 0.33
CA LEU C 419 17.69 30.34 0.20
C LEU C 419 18.84 29.69 -0.55
N ALA C 420 19.46 30.43 -1.47
CA ALA C 420 20.57 29.89 -2.26
C ALA C 420 21.85 29.77 -1.43
N GLU C 421 21.97 30.57 -0.39
CA GLU C 421 23.16 30.52 0.48
C GLU C 421 23.27 29.17 1.18
N PRO C 422 24.47 28.82 1.67
CA PRO C 422 24.70 27.55 2.38
C PRO C 422 23.87 27.46 3.66
N ALA C 423 23.56 26.24 4.08
CA ALA C 423 22.76 25.99 5.27
C ALA C 423 23.28 26.70 6.53
N ALA C 424 24.48 26.33 6.96
CA ALA C 424 25.04 26.96 8.15
C ALA C 424 25.72 28.29 7.82
#